data_3I8C
#
_entry.id   3I8C
#
_cell.length_a   64.107
_cell.length_b   134.468
_cell.length_c   183.595
_cell.angle_alpha   90.00
_cell.angle_beta   90.00
_cell.angle_gamma   90.00
#
_symmetry.space_group_name_H-M   'P 21 21 21'
#
loop_
_entity.id
_entity.type
_entity.pdbx_description
1 polymer 'DNA damage-binding protein 1'
2 polymer 'WD repeat-containing protein 21A'
#
loop_
_entity_poly.entity_id
_entity_poly.type
_entity_poly.pdbx_seq_one_letter_code
_entity_poly.pdbx_strand_id
1 'polypeptide(L)'
;GSHMSYNYVVTAQKPTAVNGCVTGHFTSAEDLNLLIAKNTRLEIYVVTAEGLRPVKEVGMYGKIAVMELFRPKGESKDLL
FILTAKYNACILEYKQSGESIDIITRAHGNVQDRIGRPSETGIIGIIDPECRMIGLRLYDGLFKVIPLDRDNKELKAFNI
RLEELHVIDVKFLYGCQAPTICFVYQDPQGRHVKTYEVSLREKEFNKGPWKQENVEAEASMVIAVPEPFGGAIIIGQESI
TYHNGDKYLAIAPPIIKQSTIVCHNRVDPNGSRYLLGDMEGRLFMLLLEKEEQMDGTVTLKDLRVELLGETSIAECLTYL
DNGVVFVGSRLGDSQLVKLNVDSNEQGSYVVAMETFTNLGPIVDMCVVDLERQGQGQLVTCSGAFKEGSLRIIRNGIGIH
EHASIDLPGIKGLWPLRSDPNRETYDTLVLSFVGQTRVLMLNGEEVEETELMGFVDDQQTFFCGNVAHQQLIQITSASVR
LVSQEPKALVSEWKEPQAKNISVASCNSSQVVVAVGRALYYLQIHPQELRQISHTEMEHEVACLDITPLGDSNGLSPLCA
IGLWTDISARILKLPSFELLHKEMLGGEIIPRSILMTTFESSHYLLCALGDGALFYFGLNIETGLLSDRKKVTLGTQPTV
LRTFRSLSTTNVFACSDRPTVIYSSNHKLVFSNVNLKEVNYMCPLNSDGYPDSLALANNSTLTIGTIDEIQKLHIRTVPL
YESPRKICYQEVSQCFGVLSSRIEVQDTSGGTTALRPSASTQALSSSVSSSKLFSSSTAPHETSFGEEVEVHNLLIIDQH
TFEVLHAHQFLQNEYALSLVSCKLGKDPNTYFIVGTAMVYPEEAEPKQGRIVVFQYSDGKLQTVAEKEVKGAVYSMVEFN
GKLLASINSTVRLYEWTTEKDVRTECNHYNNIMALYLKTKGDFILVGDLMRSVLLLAYKPMEGNFEEIARDFNPNWMSAV
EILDDDNFLGAENAFNLFVCQKDSAATTDEERQHLQEVGLFHLGEFVNVFCHGSLVMQNLGETSTPTQGSVLFGTVNGMI
GLVTSLSESWYNLLLDMQNRLNKVIKSVGKIEHSFWRSFHTERKTEPATGFIDGDLIESFLDISRPKMQEVVANLQYDDG
SGMKREATADDLIKVVEELTRIH
;
A
2 'polypeptide(L)' NASSMLRKSQLGF B
#
# COMPACT_ATOMS: atom_id res chain seq x y z
N MET A 4 -32.59 1.72 -4.85
CA MET A 4 -32.02 0.51 -5.52
C MET A 4 -30.68 0.78 -6.28
N SER A 5 -29.63 1.07 -5.50
CA SER A 5 -28.25 1.22 -6.00
C SER A 5 -27.39 0.09 -5.47
N TYR A 6 -26.54 -0.49 -6.31
CA TYR A 6 -25.81 -1.71 -5.91
C TYR A 6 -24.30 -1.71 -6.19
N ASN A 7 -23.51 -1.23 -5.24
CA ASN A 7 -22.06 -1.12 -5.43
C ASN A 7 -21.24 -1.76 -4.36
N TYR A 8 -19.99 -1.99 -4.74
CA TYR A 8 -19.06 -2.83 -4.02
C TYR A 8 -17.75 -2.07 -4.05
N VAL A 9 -17.13 -1.86 -2.89
CA VAL A 9 -15.81 -1.23 -2.74
C VAL A 9 -14.84 -2.17 -2.07
N VAL A 10 -13.62 -2.23 -2.63
CA VAL A 10 -12.47 -2.94 -2.02
C VAL A 10 -11.17 -2.15 -2.10
N THR A 11 -10.25 -2.48 -1.19
CA THR A 11 -8.93 -1.88 -1.17
C THR A 11 -8.01 -2.63 -2.11
N ALA A 12 -7.23 -1.90 -2.90
CA ALA A 12 -6.28 -2.50 -3.82
C ALA A 12 -4.88 -2.33 -3.28
N GLN A 13 -4.70 -1.24 -2.53
CA GLN A 13 -3.43 -0.96 -1.93
C GLN A 13 -3.77 -0.29 -0.65
N LYS A 14 -3.23 -0.84 0.44
CA LYS A 14 -3.59 -0.33 1.75
C LYS A 14 -2.92 1.03 1.89
N PRO A 15 -3.50 1.94 2.72
CA PRO A 15 -2.81 3.22 2.88
C PRO A 15 -1.32 3.04 3.24
N THR A 16 -0.47 3.96 2.81
CA THR A 16 0.96 3.83 3.04
C THR A 16 1.50 5.02 3.77
N ALA A 17 0.69 6.06 3.96
CA ALA A 17 1.18 7.21 4.70
C ALA A 17 1.14 6.86 6.16
N VAL A 18 2.06 7.46 6.89
CA VAL A 18 2.22 7.24 8.33
C VAL A 18 1.67 8.44 9.01
N ASN A 19 0.61 8.21 9.76
CA ASN A 19 -0.07 9.32 10.43
C ASN A 19 0.43 9.47 11.85
N GLY A 20 0.88 8.36 12.42
CA GLY A 20 1.32 8.29 13.80
C GLY A 20 2.21 7.12 14.11
N CYS A 21 3.09 7.27 15.10
CA CYS A 21 3.99 6.19 15.46
C CYS A 21 4.50 6.49 16.84
N VAL A 22 4.77 5.45 17.62
CA VAL A 22 4.95 5.59 19.07
C VAL A 22 5.87 4.42 19.46
N THR A 23 6.67 4.59 20.50
CA THR A 23 7.62 3.54 20.90
C THR A 23 7.50 3.10 22.38
N GLY A 24 7.81 1.84 22.64
CA GLY A 24 7.79 1.34 24.02
C GLY A 24 7.76 -0.17 24.08
N HIS A 25 7.50 -0.68 25.29
CA HIS A 25 7.51 -2.12 25.60
C HIS A 25 6.11 -2.71 25.67
N PHE A 26 5.56 -3.17 24.55
CA PHE A 26 4.13 -3.50 24.45
C PHE A 26 3.95 -4.99 24.32
N THR A 27 4.97 -5.60 23.73
CA THR A 27 5.08 -7.05 23.49
C THR A 27 5.62 -7.81 24.74
N SER A 28 6.78 -7.39 25.24
CA SER A 28 7.37 -7.84 26.50
C SER A 28 7.83 -6.62 27.29
N ALA A 29 8.18 -6.80 28.56
CA ALA A 29 8.72 -5.69 29.38
C ALA A 29 10.18 -5.44 29.05
N GLU A 30 10.83 -6.50 28.56
CA GLU A 30 12.07 -6.35 27.81
C GLU A 30 11.72 -6.60 26.33
N ASP A 31 11.85 -5.53 25.55
CA ASP A 31 11.42 -5.46 24.16
C ASP A 31 11.23 -4.02 23.86
N LEU A 32 11.84 -3.55 22.78
CA LEU A 32 11.55 -2.25 22.25
C LEU A 32 10.67 -2.42 21.02
N ASN A 33 9.44 -1.90 21.10
CA ASN A 33 8.50 -1.94 19.99
C ASN A 33 8.32 -0.61 19.28
N LEU A 34 8.19 -0.68 17.97
CA LEU A 34 7.74 0.46 17.22
C LEU A 34 6.31 0.18 16.86
N LEU A 35 5.46 1.15 17.20
CA LEU A 35 4.05 1.12 16.79
C LEU A 35 3.81 2.15 15.72
N ILE A 36 3.27 1.75 14.57
CA ILE A 36 2.99 2.69 13.48
C ILE A 36 1.54 2.64 13.10
N ALA A 37 0.91 3.80 13.11
CA ALA A 37 -0.45 3.96 12.71
C ALA A 37 -0.51 4.46 11.28
N LYS A 38 -1.16 3.68 10.42
CA LYS A 38 -1.50 4.14 9.08
C LYS A 38 -2.81 4.94 9.09
N ASN A 39 -3.91 4.34 8.69
CA ASN A 39 -5.10 5.14 8.86
C ASN A 39 -5.94 4.33 9.79
N THR A 40 -6.42 3.24 9.24
CA THR A 40 -7.17 2.22 9.91
C THR A 40 -6.35 0.94 10.07
N ARG A 41 -5.03 1.07 10.23
CA ARG A 41 -4.11 -0.07 10.22
C ARG A 41 -3.05 0.18 11.27
N LEU A 42 -2.73 -0.88 12.01
CA LEU A 42 -1.84 -0.69 13.14
C LEU A 42 -0.68 -1.63 12.99
N GLU A 43 0.53 -1.10 12.99
CA GLU A 43 1.71 -1.94 12.77
C GLU A 43 2.57 -2.02 13.99
N ILE A 44 3.01 -3.24 14.28
CA ILE A 44 3.79 -3.53 15.49
C ILE A 44 5.11 -4.18 15.13
N TYR A 45 6.19 -3.53 15.56
CA TYR A 45 7.49 -4.05 15.19
C TYR A 45 8.31 -4.35 16.43
N VAL A 46 9.34 -5.20 16.32
CA VAL A 46 10.33 -5.31 17.39
C VAL A 46 11.62 -4.82 16.83
N VAL A 47 12.24 -3.90 17.57
CA VAL A 47 13.50 -3.26 17.17
C VAL A 47 14.68 -4.18 17.43
N THR A 48 15.62 -4.27 16.49
CA THR A 48 16.81 -5.13 16.62
C THR A 48 17.99 -4.50 15.90
N ALA A 49 19.14 -5.15 16.05
CA ALA A 49 20.40 -4.81 15.35
C ALA A 49 20.24 -4.43 13.87
N GLU A 50 19.53 -5.26 13.11
CA GLU A 50 19.27 -4.97 11.70
C GLU A 50 18.34 -3.76 11.56
N GLY A 51 17.45 -3.61 12.54
CA GLY A 51 16.32 -2.68 12.45
C GLY A 51 15.04 -3.36 12.97
N LEU A 52 13.98 -3.26 12.17
CA LEU A 52 12.63 -3.70 12.59
C LEU A 52 12.26 -5.18 12.32
N ARG A 53 11.97 -5.95 13.39
CA ARG A 53 11.38 -7.27 13.19
C ARG A 53 9.89 -7.08 13.31
N PRO A 54 9.12 -7.42 12.24
CA PRO A 54 7.66 -7.38 12.19
C PRO A 54 6.96 -8.45 13.03
N VAL A 55 5.78 -8.11 13.52
CA VAL A 55 5.17 -8.96 14.52
C VAL A 55 3.68 -9.06 14.45
N LYS A 56 3.00 -7.93 14.26
CA LYS A 56 1.55 -7.95 14.15
C LYS A 56 1.00 -6.70 13.54
N GLU A 57 0.36 -6.89 12.39
CA GLU A 57 -0.31 -5.84 11.65
C GLU A 57 -1.80 -6.11 11.78
N VAL A 58 -2.50 -5.30 12.57
CA VAL A 58 -3.98 -5.36 12.56
C VAL A 58 -4.67 -4.12 12.01
N GLY A 59 -5.92 -4.32 11.57
CA GLY A 59 -6.83 -3.22 11.16
C GLY A 59 -7.88 -2.82 12.21
N MET A 60 -8.28 -1.54 12.17
CA MET A 60 -9.37 -1.03 13.02
C MET A 60 -10.51 -0.46 12.20
N TYR A 61 -11.68 -0.35 12.82
CA TYR A 61 -12.86 0.24 12.20
C TYR A 61 -12.99 1.69 12.56
N GLY A 62 -11.94 2.45 12.29
CA GLY A 62 -11.95 3.89 12.49
C GLY A 62 -10.62 4.40 12.03
N LYS A 63 -10.49 5.70 11.96
CA LYS A 63 -9.25 6.28 11.58
C LYS A 63 -8.57 6.61 12.88
N ILE A 64 -7.42 5.99 13.15
CA ILE A 64 -6.69 6.29 14.39
C ILE A 64 -6.32 7.77 14.52
N ALA A 65 -6.76 8.39 15.61
CA ALA A 65 -6.53 9.81 15.77
C ALA A 65 -5.58 10.14 16.96
N VAL A 66 -5.55 9.25 17.94
CA VAL A 66 -4.69 9.33 19.09
C VAL A 66 -4.19 7.92 19.32
N MET A 67 -2.89 7.78 19.57
CA MET A 67 -2.25 6.50 19.85
C MET A 67 -1.19 6.65 20.94
N GLU A 68 -1.47 6.15 22.15
CA GLU A 68 -0.48 6.27 23.24
C GLU A 68 -0.20 4.96 23.92
N LEU A 69 1.06 4.76 24.34
CA LEU A 69 1.42 3.61 25.18
C LEU A 69 1.62 4.10 26.59
N PHE A 70 1.14 3.34 27.56
CA PHE A 70 1.24 3.74 28.96
C PHE A 70 1.18 2.55 29.90
N ARG A 71 1.49 2.82 31.17
CA ARG A 71 1.54 1.78 32.17
C ARG A 71 1.12 2.34 33.51
N PRO A 72 0.02 1.80 34.09
CA PRO A 72 -0.34 2.11 35.46
C PRO A 72 0.26 1.06 36.42
N LYS A 73 -0.13 1.14 37.69
CA LYS A 73 0.55 0.40 38.75
C LYS A 73 0.27 -1.11 38.74
N GLY A 74 1.31 -1.89 39.04
CA GLY A 74 1.20 -3.34 39.16
C GLY A 74 0.99 -4.03 37.82
N GLU A 75 1.09 -3.24 36.75
CA GLU A 75 0.99 -3.72 35.38
C GLU A 75 2.34 -4.20 34.89
N SER A 76 2.39 -5.42 34.37
CA SER A 76 3.64 -6.03 33.95
C SER A 76 4.30 -5.28 32.79
N LYS A 77 3.53 -5.04 31.72
CA LYS A 77 4.00 -4.35 30.51
C LYS A 77 3.00 -3.31 30.02
N ASP A 78 3.36 -2.57 28.96
CA ASP A 78 2.58 -1.43 28.46
C ASP A 78 1.24 -1.79 27.83
N LEU A 79 0.35 -0.83 27.90
CA LEU A 79 -0.98 -0.98 27.34
C LEU A 79 -1.18 0.09 26.27
N LEU A 80 -2.07 -0.18 25.32
CA LEU A 80 -2.26 0.76 24.22
C LEU A 80 -3.55 1.56 24.30
N PHE A 81 -3.43 2.87 24.29
CA PHE A 81 -4.59 3.72 24.18
C PHE A 81 -4.83 4.18 22.73
N ILE A 82 -6.07 4.00 22.28
CA ILE A 82 -6.44 4.36 20.92
C ILE A 82 -7.74 5.11 20.87
N LEU A 83 -7.69 6.31 20.28
CA LEU A 83 -8.89 7.07 19.96
C LEU A 83 -9.11 7.28 18.48
N THR A 84 -10.31 6.96 18.03
CA THR A 84 -10.79 7.17 16.67
C THR A 84 -11.40 8.55 16.38
N ALA A 85 -11.31 8.92 15.11
CA ALA A 85 -11.93 10.08 14.57
C ALA A 85 -13.47 10.15 14.77
N LYS A 86 -14.16 9.02 14.99
CA LYS A 86 -15.57 9.06 15.29
C LYS A 86 -15.75 8.76 16.75
N TYR A 87 -14.70 9.08 17.52
CA TYR A 87 -14.76 9.12 18.96
C TYR A 87 -14.97 7.75 19.62
N ASN A 88 -14.74 6.66 18.88
CA ASN A 88 -14.50 5.33 19.49
C ASN A 88 -13.20 5.33 20.28
N ALA A 89 -13.25 5.03 21.56
CA ALA A 89 -12.04 4.97 22.37
C ALA A 89 -11.83 3.54 22.78
N CYS A 90 -10.58 3.14 23.05
CA CYS A 90 -10.29 1.78 23.54
C CYS A 90 -8.90 1.59 24.15
N ILE A 91 -8.75 0.58 25.00
CA ILE A 91 -7.45 0.20 25.54
C ILE A 91 -7.04 -1.18 25.08
N LEU A 92 -5.77 -1.33 24.70
CA LEU A 92 -5.36 -2.57 24.07
C LEU A 92 -4.19 -3.24 24.82
N GLU A 93 -4.20 -4.58 24.85
CA GLU A 93 -3.18 -5.39 25.51
C GLU A 93 -2.63 -6.38 24.51
N TYR A 94 -1.31 -6.55 24.53
CA TYR A 94 -0.68 -7.49 23.63
C TYR A 94 -0.58 -8.86 24.23
N LYS A 95 -1.19 -9.84 23.56
CA LYS A 95 -1.33 -11.16 24.16
C LYS A 95 -0.85 -12.27 23.26
N GLN A 96 0.27 -12.90 23.59
CA GLN A 96 0.71 -14.06 22.82
C GLN A 96 0.39 -15.37 23.53
N SER A 97 -0.55 -16.13 22.98
CA SER A 97 -0.86 -17.47 23.49
C SER A 97 0.18 -18.45 22.94
N GLY A 98 1.43 -18.25 23.36
CA GLY A 98 2.56 -19.11 22.99
C GLY A 98 2.97 -18.98 21.53
N GLU A 99 2.10 -19.49 20.64
CA GLU A 99 2.34 -19.38 19.20
C GLU A 99 1.32 -18.42 18.58
N SER A 100 0.27 -18.09 19.33
CA SER A 100 -0.79 -17.23 18.80
C SER A 100 -0.83 -15.86 19.41
N ILE A 101 -1.33 -14.94 18.60
CA ILE A 101 -1.22 -13.53 18.85
C ILE A 101 -2.64 -12.97 18.81
N ASP A 102 -2.92 -12.14 19.79
CA ASP A 102 -4.21 -11.46 19.91
C ASP A 102 -3.96 -10.10 20.49
N ILE A 103 -4.58 -9.09 19.89
CA ILE A 103 -4.64 -7.82 20.58
C ILE A 103 -5.98 -7.77 21.27
N ILE A 104 -5.98 -7.62 22.60
CA ILE A 104 -7.25 -7.70 23.31
C ILE A 104 -7.74 -6.35 23.83
N THR A 105 -9.06 -6.22 23.87
CA THR A 105 -9.69 -5.00 24.32
C THR A 105 -10.02 -5.01 25.81
N ARG A 106 -9.16 -4.34 26.57
CA ARG A 106 -9.28 -4.22 28.02
C ARG A 106 -10.37 -3.28 28.43
N ALA A 107 -10.68 -2.32 27.58
CA ALA A 107 -11.77 -1.37 27.82
C ALA A 107 -12.16 -0.61 26.56
N HIS A 108 -13.34 -0.01 26.56
CA HIS A 108 -13.80 0.76 25.41
C HIS A 108 -15.13 1.49 25.59
N GLY A 109 -15.27 2.57 24.83
CA GLY A 109 -16.54 3.22 24.74
C GLY A 109 -16.41 4.31 23.71
N ASN A 110 -17.52 4.99 23.43
CA ASN A 110 -17.53 6.11 22.53
C ASN A 110 -17.65 7.44 23.28
N VAL A 111 -16.70 8.34 23.03
CA VAL A 111 -16.64 9.58 23.81
C VAL A 111 -17.12 10.89 23.17
N GLN A 112 -17.80 10.80 22.04
CA GLN A 112 -18.34 11.98 21.43
C GLN A 112 -19.39 12.57 22.34
N ASP A 113 -19.79 13.79 22.03
CA ASP A 113 -20.82 14.51 22.75
C ASP A 113 -21.77 15.03 21.69
N ARG A 114 -23.04 15.28 22.04
CA ARG A 114 -24.04 15.76 21.06
C ARG A 114 -23.76 17.23 20.80
N ILE A 115 -23.32 17.90 21.87
CA ILE A 115 -22.79 19.25 21.83
C ILE A 115 -21.34 19.11 21.44
N GLY A 116 -20.75 20.23 21.06
CA GLY A 116 -19.35 20.23 20.71
C GLY A 116 -19.14 20.56 19.24
N ARG A 117 -18.55 21.73 19.02
CA ARG A 117 -18.10 22.17 17.71
C ARG A 117 -16.62 21.77 17.61
N PRO A 118 -16.27 20.77 16.73
CA PRO A 118 -14.97 20.08 16.78
C PRO A 118 -13.85 21.10 16.59
N SER A 119 -12.80 21.04 17.40
CA SER A 119 -12.01 22.25 17.64
C SER A 119 -11.02 22.65 16.54
N GLU A 120 -10.40 23.80 16.74
CA GLU A 120 -9.25 24.21 15.95
C GLU A 120 -8.06 23.37 16.38
N THR A 121 -7.40 22.72 15.41
CA THR A 121 -6.26 21.82 15.68
C THR A 121 -6.65 20.37 16.02
N GLY A 122 -7.89 19.99 15.68
CA GLY A 122 -8.35 18.61 15.82
C GLY A 122 -8.19 17.92 17.17
N ILE A 123 -8.40 16.61 17.17
CA ILE A 123 -8.44 15.84 18.42
C ILE A 123 -7.03 15.87 18.98
N ILE A 124 -6.89 16.01 20.29
CA ILE A 124 -5.64 15.83 21.03
C ILE A 124 -6.03 14.91 22.17
N GLY A 125 -5.27 13.86 22.40
CA GLY A 125 -5.51 13.02 23.57
C GLY A 125 -4.23 12.98 24.35
N ILE A 126 -4.27 13.15 25.67
CA ILE A 126 -3.04 13.04 26.46
C ILE A 126 -3.19 12.10 27.68
N ILE A 127 -2.09 11.54 28.19
CA ILE A 127 -2.11 10.70 29.40
C ILE A 127 -1.15 11.13 30.52
N ASP A 128 -1.65 11.19 31.77
CA ASP A 128 -0.88 11.64 32.94
C ASP A 128 0.30 10.71 33.24
N PRO A 129 1.50 11.28 33.59
CA PRO A 129 2.71 10.50 33.91
C PRO A 129 2.48 9.38 34.96
N GLU A 130 1.63 9.64 35.96
CA GLU A 130 1.27 8.61 36.95
C GLU A 130 0.27 7.58 36.40
N CYS A 131 -0.59 8.01 35.48
CA CYS A 131 -1.68 7.20 34.96
C CYS A 131 -2.96 7.28 35.79
N ARG A 132 -3.16 8.39 36.46
CA ARG A 132 -4.44 8.58 37.12
C ARG A 132 -5.54 8.53 36.05
N MET A 133 -5.22 9.06 34.86
CA MET A 133 -6.23 9.35 33.85
C MET A 133 -5.76 9.52 32.39
N ILE A 134 -6.70 10.03 31.60
CA ILE A 134 -6.54 10.39 30.20
C ILE A 134 -7.31 11.71 30.01
N GLY A 135 -6.68 12.67 29.34
CA GLY A 135 -7.34 13.93 29.03
C GLY A 135 -7.44 14.09 27.52
N LEU A 136 -8.60 14.56 27.05
CA LEU A 136 -8.94 14.59 25.66
C LEU A 136 -9.49 15.97 25.31
N ARG A 137 -9.30 16.40 24.07
CA ARG A 137 -9.78 17.70 23.68
C ARG A 137 -10.45 17.55 22.35
N LEU A 138 -11.71 17.19 22.39
CA LEU A 138 -12.47 16.95 21.19
C LEU A 138 -13.21 18.20 20.79
N TYR A 139 -13.48 19.09 21.73
CA TYR A 139 -14.34 20.21 21.42
C TYR A 139 -13.82 21.51 21.97
N ASP A 140 -14.17 22.62 21.34
CA ASP A 140 -13.93 23.92 21.95
C ASP A 140 -14.78 24.06 23.21
N GLY A 141 -14.32 24.90 24.13
CA GLY A 141 -15.00 25.12 25.41
C GLY A 141 -14.87 23.95 26.36
N LEU A 142 -14.74 22.76 25.81
CA LEU A 142 -14.75 21.57 26.66
C LEU A 142 -13.45 20.81 26.85
N PHE A 143 -13.37 20.07 27.95
CA PHE A 143 -12.25 19.23 28.20
C PHE A 143 -12.67 17.97 28.93
N LYS A 144 -12.75 16.89 28.16
CA LYS A 144 -13.16 15.56 28.62
C LYS A 144 -12.05 14.88 29.44
N VAL A 145 -12.44 14.01 30.36
CA VAL A 145 -11.53 13.34 31.25
C VAL A 145 -12.04 11.94 31.56
N ILE A 146 -11.15 10.97 31.40
CA ILE A 146 -11.48 9.59 31.58
C ILE A 146 -10.55 9.09 32.64
N PRO A 147 -11.03 8.90 33.89
CA PRO A 147 -10.17 8.40 34.97
C PRO A 147 -9.85 6.91 34.77
N LEU A 148 -8.58 6.55 34.88
CA LEU A 148 -8.21 5.13 34.80
C LEU A 148 -8.28 4.45 36.16
N ASP A 149 -8.89 3.28 36.17
CA ASP A 149 -9.12 2.47 37.36
C ASP A 149 -9.14 1.03 36.90
N ARG A 150 -9.45 0.12 37.81
CA ARG A 150 -9.47 -1.29 37.44
C ARG A 150 -10.71 -1.48 36.61
N ASP A 151 -11.73 -0.71 36.94
CA ASP A 151 -13.01 -0.79 36.29
C ASP A 151 -13.02 0.14 35.09
N ASN A 152 -13.85 1.18 35.14
CA ASN A 152 -14.11 2.10 34.03
C ASN A 152 -14.09 1.40 32.67
N LYS A 153 -14.46 0.13 32.66
CA LYS A 153 -14.35 -0.76 31.50
C LYS A 153 -15.09 -0.26 30.25
N GLU A 154 -16.01 0.67 30.48
CA GLU A 154 -16.67 1.38 29.40
C GLU A 154 -16.23 2.85 29.36
N LEU A 155 -15.08 3.15 29.93
CA LEU A 155 -14.44 4.47 29.80
C LEU A 155 -15.39 5.66 29.95
N LYS A 156 -16.06 5.70 31.09
CA LYS A 156 -17.02 6.76 31.35
C LYS A 156 -16.24 8.03 31.68
N ALA A 157 -16.70 9.13 31.13
CA ALA A 157 -15.93 10.35 31.23
C ALA A 157 -16.78 11.55 31.58
N PHE A 158 -16.26 12.39 32.46
CA PHE A 158 -16.89 13.68 32.60
C PHE A 158 -16.19 14.69 31.69
N ASN A 159 -16.90 15.78 31.40
CA ASN A 159 -16.42 16.94 30.69
C ASN A 159 -16.22 18.02 31.74
N ILE A 160 -15.43 19.05 31.44
CA ILE A 160 -15.21 20.19 32.30
C ILE A 160 -15.21 21.45 31.46
N ARG A 161 -15.61 22.60 32.01
CA ARG A 161 -15.64 23.82 31.21
C ARG A 161 -14.32 24.56 31.18
N LEU A 162 -13.96 24.97 29.98
CA LEU A 162 -12.74 25.68 29.69
C LEU A 162 -13.11 27.10 29.31
N GLU A 163 -12.67 28.07 30.10
CA GLU A 163 -12.85 29.48 29.74
C GLU A 163 -12.35 29.67 28.34
N GLU A 164 -11.26 28.97 28.02
CA GLU A 164 -10.49 29.22 26.82
C GLU A 164 -10.94 28.43 25.57
N LEU A 165 -11.52 29.17 24.62
CA LEU A 165 -12.20 28.62 23.45
C LEU A 165 -11.32 28.28 22.25
N HIS A 166 -10.07 28.78 22.22
CA HIS A 166 -9.16 28.53 21.07
C HIS A 166 -7.80 27.95 21.55
N VAL A 167 -7.84 26.74 22.08
CA VAL A 167 -6.63 26.04 22.53
C VAL A 167 -5.84 25.48 21.35
N ILE A 168 -4.52 25.47 21.50
CA ILE A 168 -3.56 25.10 20.43
C ILE A 168 -2.90 23.72 20.63
N ASP A 169 -2.30 23.52 21.82
CA ASP A 169 -1.70 22.25 22.25
C ASP A 169 -1.62 22.16 23.80
N VAL A 170 -1.61 20.93 24.32
CA VAL A 170 -1.79 20.63 25.71
C VAL A 170 -0.99 19.39 25.99
N LYS A 171 -0.41 19.30 27.18
CA LYS A 171 0.14 18.08 27.73
C LYS A 171 0.01 18.25 29.24
N PHE A 172 0.12 17.12 29.95
CA PHE A 172 0.34 17.03 31.38
C PHE A 172 1.82 17.24 31.73
N LEU A 173 2.05 17.93 32.84
CA LEU A 173 3.40 18.21 33.31
C LEU A 173 3.92 17.10 34.19
N TYR A 174 5.19 16.76 33.99
CA TYR A 174 5.93 15.90 34.89
C TYR A 174 6.26 16.59 36.20
N GLY A 175 6.50 15.75 37.20
CA GLY A 175 6.89 16.16 38.56
C GLY A 175 5.81 16.95 39.26
N CYS A 176 4.63 16.37 39.37
CA CYS A 176 3.49 17.15 39.82
C CYS A 176 2.76 16.51 40.97
N GLN A 177 2.31 17.36 41.88
CA GLN A 177 1.45 16.93 42.98
C GLN A 177 0.19 16.45 42.31
N ALA A 178 -0.71 17.39 42.05
CA ALA A 178 -1.93 17.06 41.35
C ALA A 178 -1.66 16.97 39.84
N PRO A 179 -2.36 16.05 39.14
CA PRO A 179 -2.59 16.14 37.70
C PRO A 179 -2.59 17.59 37.23
N THR A 180 -1.76 17.88 36.24
CA THR A 180 -1.69 19.27 35.74
C THR A 180 -1.46 19.36 34.24
N ILE A 181 -2.41 20.01 33.57
CA ILE A 181 -2.28 20.26 32.15
C ILE A 181 -1.51 21.54 31.98
N CYS A 182 -1.17 21.83 30.72
CA CYS A 182 -0.45 23.03 30.38
C CYS A 182 -0.62 23.27 28.89
N PHE A 183 -1.07 24.46 28.52
CA PHE A 183 -1.57 24.74 27.18
C PHE A 183 -1.33 26.15 26.66
N VAL A 184 -1.11 26.25 25.36
CA VAL A 184 -1.11 27.51 24.69
C VAL A 184 -2.51 27.63 24.10
N TYR A 185 -3.20 28.72 24.41
CA TYR A 185 -4.47 29.07 23.73
C TYR A 185 -4.30 30.43 23.10
N GLN A 186 -5.15 30.76 22.12
CA GLN A 186 -5.16 32.11 21.50
C GLN A 186 -6.43 32.91 21.89
N ASP A 187 -6.25 34.19 22.19
CA ASP A 187 -7.38 35.13 22.26
C ASP A 187 -6.97 36.39 21.49
N PRO A 188 -7.88 37.37 21.41
CA PRO A 188 -7.36 38.61 20.85
C PRO A 188 -5.95 39.16 20.86
N GLN A 189 -5.38 39.39 22.06
CA GLN A 189 -4.12 40.12 22.28
C GLN A 189 -2.89 39.28 21.96
N GLY A 190 -3.12 37.99 21.70
CA GLY A 190 -2.08 37.08 21.26
C GLY A 190 -2.30 35.65 21.72
N ARG A 191 -1.21 34.98 22.06
CA ARG A 191 -1.25 33.62 22.58
C ARG A 191 -0.55 33.60 23.93
N HIS A 192 -0.96 32.63 24.74
CA HIS A 192 -0.64 32.67 26.13
C HIS A 192 -0.54 31.23 26.56
N VAL A 193 0.07 31.03 27.71
CA VAL A 193 0.30 29.72 28.24
C VAL A 193 -0.35 29.63 29.65
N LYS A 194 -0.93 28.48 29.99
CA LYS A 194 -1.72 28.39 31.20
C LYS A 194 -1.73 26.99 31.80
N THR A 195 -1.98 26.91 33.10
CA THR A 195 -1.96 25.62 33.78
C THR A 195 -3.21 25.39 34.62
N TYR A 196 -3.47 24.14 34.98
CA TYR A 196 -4.61 23.80 35.86
C TYR A 196 -4.32 22.46 36.47
N GLU A 197 -4.52 22.33 37.77
CA GLU A 197 -4.51 20.99 38.35
C GLU A 197 -5.82 20.35 37.90
N VAL A 198 -5.91 19.04 37.96
CA VAL A 198 -7.20 18.43 37.77
C VAL A 198 -7.49 17.56 38.97
N SER A 199 -8.48 18.02 39.74
CA SER A 199 -9.03 17.29 40.86
C SER A 199 -10.29 16.67 40.33
N LEU A 200 -10.28 15.35 40.30
CA LEU A 200 -11.37 14.56 39.73
C LEU A 200 -12.43 14.24 40.77
N ARG A 201 -12.04 14.32 42.03
CA ARG A 201 -12.98 14.07 43.09
C ARG A 201 -14.15 15.00 42.79
N GLU A 202 -13.87 16.27 42.52
CA GLU A 202 -14.96 17.20 42.25
C GLU A 202 -15.08 17.65 40.82
N LYS A 203 -14.33 17.01 39.95
CA LYS A 203 -14.37 17.30 38.54
C LYS A 203 -14.37 18.75 38.14
N GLU A 204 -13.42 19.50 38.67
CA GLU A 204 -13.30 20.93 38.37
C GLU A 204 -12.05 21.21 37.53
N PHE A 205 -11.14 21.99 37.99
CA PHE A 205 -9.88 22.30 37.39
C PHE A 205 -8.86 22.83 38.43
N ASN A 206 -9.35 23.64 39.28
CA ASN A 206 -8.44 24.21 40.32
C ASN A 206 -7.38 25.08 39.74
N LYS A 207 -6.29 25.31 40.44
CA LYS A 207 -5.37 26.30 39.95
C LYS A 207 -3.98 25.79 39.78
N GLY A 208 -3.38 26.18 38.68
CA GLY A 208 -2.07 25.68 38.30
C GLY A 208 -0.98 26.38 39.05
N PRO A 209 0.19 25.79 39.09
CA PRO A 209 1.30 26.37 39.83
C PRO A 209 2.03 27.50 39.16
N TRP A 210 1.69 27.88 37.96
CA TRP A 210 2.38 29.02 37.46
C TRP A 210 1.58 29.98 36.64
N LYS A 211 1.76 31.23 36.97
CA LYS A 211 1.07 32.31 36.33
C LYS A 211 1.04 32.06 34.87
N GLN A 212 0.23 32.84 34.21
CA GLN A 212 0.01 32.71 32.80
C GLN A 212 0.91 33.68 32.19
N GLU A 213 1.78 33.19 31.36
CA GLU A 213 2.72 34.09 30.69
C GLU A 213 2.31 34.19 29.22
N ASN A 214 2.88 35.16 28.49
CA ASN A 214 2.73 35.19 27.04
C ASN A 214 3.65 34.16 26.36
N VAL A 215 3.35 33.88 25.09
CA VAL A 215 4.21 33.11 24.19
C VAL A 215 3.95 33.66 22.79
N GLU A 216 4.79 33.36 21.80
CA GLU A 216 4.58 34.01 20.46
C GLU A 216 3.28 33.76 19.62
N ALA A 217 2.92 34.80 18.88
CA ALA A 217 2.05 34.73 17.72
C ALA A 217 1.99 33.36 17.02
N GLU A 218 3.10 32.64 16.88
CA GLU A 218 2.99 31.34 16.23
C GLU A 218 3.33 30.15 17.09
N ALA A 219 3.30 30.33 18.39
CA ALA A 219 3.45 29.20 19.30
C ALA A 219 2.51 28.02 18.95
N SER A 220 3.08 26.82 18.72
CA SER A 220 2.28 25.67 18.29
C SER A 220 2.54 24.31 18.95
N MET A 221 3.62 24.15 19.66
CA MET A 221 3.90 22.86 20.25
C MET A 221 4.27 23.01 21.70
N VAL A 222 3.76 22.11 22.51
CA VAL A 222 4.06 22.05 23.92
C VAL A 222 4.83 20.77 24.21
N ILE A 223 6.08 20.88 24.67
CA ILE A 223 6.81 19.68 25.12
C ILE A 223 6.95 19.64 26.63
N ALA A 224 6.67 18.47 27.22
CA ALA A 224 6.68 18.29 28.69
C ALA A 224 7.94 17.54 29.16
N VAL A 225 8.81 18.26 29.85
CA VAL A 225 10.14 17.75 30.14
C VAL A 225 10.12 16.85 31.37
N PRO A 226 10.63 15.62 31.23
CA PRO A 226 10.47 14.58 32.24
C PRO A 226 11.16 14.89 33.56
N GLU A 227 10.73 14.17 34.60
CA GLU A 227 11.01 14.44 36.02
C GLU A 227 12.30 15.18 36.40
N PRO A 228 13.49 14.62 36.07
CA PRO A 228 14.71 15.27 36.60
C PRO A 228 14.78 16.75 36.26
N PHE A 229 14.14 17.12 35.15
CA PHE A 229 14.11 18.50 34.69
C PHE A 229 12.79 19.18 35.07
N GLY A 230 11.68 18.53 34.74
CA GLY A 230 10.35 19.10 34.89
C GLY A 230 10.15 20.26 33.93
N GLY A 231 8.94 20.76 33.85
CA GLY A 231 8.66 21.95 33.02
C GLY A 231 8.15 21.74 31.59
N ALA A 232 8.18 22.84 30.82
CA ALA A 232 7.62 22.86 29.48
C ALA A 232 8.38 23.66 28.40
N ILE A 233 8.46 23.08 27.22
CA ILE A 233 9.14 23.72 26.13
C ILE A 233 8.10 24.15 25.11
N ILE A 234 8.14 25.41 24.69
CA ILE A 234 7.21 25.90 23.69
C ILE A 234 7.90 26.28 22.37
N ILE A 235 7.37 25.82 21.25
CA ILE A 235 8.03 26.10 19.98
C ILE A 235 7.15 26.98 19.12
N GLY A 236 7.74 28.03 18.59
CA GLY A 236 7.08 28.93 17.67
C GLY A 236 7.78 28.95 16.34
N GLN A 237 7.50 29.94 15.48
CA GLN A 237 8.35 30.16 14.31
C GLN A 237 9.63 30.94 14.70
N GLU A 238 10.75 30.73 14.02
CA GLU A 238 12.01 31.41 14.41
C GLU A 238 12.44 31.42 15.90
N SER A 239 11.61 30.87 16.78
CA SER A 239 11.92 30.85 18.22
C SER A 239 11.47 29.64 19.04
N ILE A 240 12.20 29.38 20.13
CA ILE A 240 11.88 28.33 21.09
C ILE A 240 11.98 28.92 22.50
N THR A 241 11.27 28.32 23.47
CA THR A 241 11.24 28.78 24.86
C THR A 241 11.00 27.67 25.87
N TYR A 242 11.32 27.98 27.11
CA TYR A 242 11.17 27.06 28.21
C TYR A 242 10.56 27.78 29.40
N HIS A 243 9.64 27.06 30.01
CA HIS A 243 8.87 27.52 31.14
C HIS A 243 8.92 26.46 32.21
N ASN A 244 8.97 26.97 33.43
CA ASN A 244 8.79 26.21 34.65
C ASN A 244 8.82 27.28 35.71
N GLY A 245 8.23 27.02 36.89
CA GLY A 245 8.23 27.98 38.00
C GLY A 245 8.38 29.44 37.58
N ASP A 246 9.46 30.08 38.03
CA ASP A 246 9.78 31.45 37.64
C ASP A 246 10.85 31.48 36.55
N LYS A 247 11.16 30.29 36.05
CA LYS A 247 12.25 30.05 35.13
C LYS A 247 11.78 30.22 33.70
N TYR A 248 12.41 31.14 32.97
CA TYR A 248 12.08 31.38 31.60
C TYR A 248 13.37 31.46 30.76
N LEU A 249 13.60 30.46 29.91
CA LEU A 249 14.79 30.44 29.06
C LEU A 249 14.37 30.53 27.61
N ALA A 250 15.02 31.37 26.81
CA ALA A 250 14.57 31.56 25.43
C ALA A 250 15.67 31.73 24.38
N ILE A 251 15.43 31.17 23.20
CA ILE A 251 16.39 31.28 22.10
C ILE A 251 15.69 31.61 20.80
N ALA A 252 16.36 32.40 19.95
CA ALA A 252 15.82 32.76 18.64
C ALA A 252 16.80 32.50 17.49
N PRO A 253 17.08 31.20 17.16
CA PRO A 253 18.18 30.82 16.26
C PRO A 253 17.70 31.02 14.86
N PRO A 254 18.44 31.80 14.07
CA PRO A 254 17.88 32.18 12.78
C PRO A 254 17.54 30.94 11.98
N ILE A 255 18.28 29.86 12.24
CA ILE A 255 18.23 28.63 11.46
C ILE A 255 16.86 27.90 11.41
N ILE A 256 16.06 28.00 12.47
CA ILE A 256 14.72 27.41 12.45
C ILE A 256 13.69 28.34 11.85
N LYS A 257 14.07 29.59 11.57
CA LYS A 257 13.14 30.57 11.03
C LYS A 257 12.66 30.16 9.67
N GLN A 258 13.52 29.48 8.92
CA GLN A 258 13.31 29.08 7.51
C GLN A 258 11.96 28.39 7.19
N SER A 259 11.52 27.56 8.13
CA SER A 259 10.32 26.77 7.97
C SER A 259 9.90 26.29 9.32
N THR A 260 8.65 25.85 9.41
CA THR A 260 8.00 25.60 10.70
C THR A 260 8.43 24.26 11.22
N ILE A 261 8.69 24.21 12.52
CA ILE A 261 8.76 22.91 13.21
C ILE A 261 7.36 22.33 13.42
N VAL A 262 7.30 21.02 13.61
CA VAL A 262 6.08 20.33 13.27
C VAL A 262 5.93 18.96 13.84
N CYS A 263 7.05 18.36 14.24
CA CYS A 263 7.03 17.17 15.08
C CYS A 263 8.29 17.16 15.92
N HIS A 264 8.30 16.27 16.92
CA HIS A 264 9.36 16.20 17.91
C HIS A 264 9.39 14.87 18.65
N ASN A 265 10.45 14.61 19.40
CA ASN A 265 10.59 13.32 20.01
C ASN A 265 11.71 13.32 21.02
N ARG A 266 11.43 12.82 22.23
CA ARG A 266 12.40 12.72 23.29
C ARG A 266 13.42 11.66 22.93
N VAL A 267 14.70 12.01 22.96
CA VAL A 267 15.77 11.03 22.72
C VAL A 267 16.24 10.31 24.00
N ASP A 268 16.80 11.05 24.93
CA ASP A 268 17.25 10.47 26.17
C ASP A 268 16.11 10.56 27.20
N PRO A 269 15.80 9.44 27.88
CA PRO A 269 14.70 9.45 28.86
C PRO A 269 14.70 10.66 29.80
N ASN A 270 15.88 11.16 30.16
CA ASN A 270 15.95 12.32 31.02
C ASN A 270 15.61 13.55 30.20
N GLY A 271 15.88 13.49 28.92
CA GLY A 271 15.51 14.58 28.05
C GLY A 271 16.48 15.75 28.12
N SER A 272 17.75 15.42 28.07
CA SER A 272 18.76 16.40 27.74
C SER A 272 18.60 16.73 26.27
N ARG A 273 18.15 15.73 25.49
CA ARG A 273 18.07 15.82 24.02
C ARG A 273 16.70 15.47 23.43
N TYR A 274 16.27 16.25 22.43
CA TYR A 274 15.06 15.96 21.62
C TYR A 274 15.31 16.20 20.15
N LEU A 275 14.56 15.47 19.31
CA LEU A 275 14.59 15.57 17.84
C LEU A 275 13.51 16.53 17.33
N LEU A 276 13.77 17.30 16.28
CA LEU A 276 12.76 18.25 15.76
C LEU A 276 12.57 18.21 14.24
N GLY A 277 11.33 18.06 13.78
CA GLY A 277 11.01 18.01 12.34
C GLY A 277 10.39 19.26 11.74
N ASP A 278 11.05 19.74 10.70
CA ASP A 278 10.64 20.85 9.81
C ASP A 278 9.68 20.43 8.64
N MET A 279 8.94 21.39 8.08
CA MET A 279 8.12 21.12 6.90
C MET A 279 9.03 20.88 5.70
N GLU A 280 10.31 21.25 5.83
CA GLU A 280 11.32 21.19 4.76
C GLU A 280 11.88 19.78 4.61
N GLY A 281 11.87 19.00 5.70
CA GLY A 281 12.54 17.69 5.74
C GLY A 281 13.76 17.70 6.67
N ARG A 282 14.09 18.90 7.20
CA ARG A 282 15.32 19.13 7.99
C ARG A 282 15.16 18.50 9.33
N LEU A 283 16.25 18.05 9.93
CA LEU A 283 16.14 17.36 11.21
C LEU A 283 17.00 18.10 12.20
N PHE A 284 16.41 18.55 13.31
CA PHE A 284 17.20 19.28 14.29
C PHE A 284 17.34 18.46 15.56
N MET A 285 18.34 18.84 16.36
CA MET A 285 18.52 18.37 17.72
C MET A 285 18.43 19.54 18.71
N LEU A 286 17.65 19.33 19.75
CA LEU A 286 17.41 20.37 20.75
C LEU A 286 18.05 19.88 22.00
N LEU A 287 18.93 20.70 22.56
CA LEU A 287 19.73 20.25 23.70
C LEU A 287 19.52 21.12 24.92
N LEU A 288 19.49 20.45 26.06
CA LEU A 288 19.23 21.05 27.31
C LEU A 288 20.46 20.94 28.17
N GLU A 289 21.18 22.03 28.34
CA GLU A 289 22.35 21.98 29.20
C GLU A 289 21.93 21.98 30.68
N LYS A 290 22.06 20.80 31.31
CA LYS A 290 21.83 20.59 32.76
C LYS A 290 22.80 21.38 33.61
N GLU A 291 22.70 21.19 34.93
CA GLU A 291 23.50 21.93 35.91
C GLU A 291 23.29 21.35 37.30
N GLU A 292 24.35 20.83 37.90
CA GLU A 292 24.22 20.27 39.23
C GLU A 292 24.58 21.29 40.31
N GLN A 293 23.78 21.28 41.38
CA GLN A 293 24.16 21.88 42.65
C GLN A 293 24.11 20.77 43.72
N MET A 294 25.21 20.65 44.48
CA MET A 294 25.53 19.48 45.35
C MET A 294 24.40 18.58 45.90
N ASP A 295 23.94 18.82 47.13
CA ASP A 295 22.77 18.13 47.67
C ASP A 295 21.46 18.83 47.23
N GLY A 296 21.18 18.72 45.93
CA GLY A 296 20.02 19.35 45.30
C GLY A 296 19.73 18.80 43.91
N THR A 297 18.44 18.79 43.54
CA THR A 297 17.98 18.26 42.25
C THR A 297 18.52 19.09 41.07
N VAL A 298 18.72 18.41 39.93
CA VAL A 298 19.27 19.02 38.73
C VAL A 298 18.46 20.21 38.20
N THR A 299 19.15 21.28 37.84
CA THR A 299 18.56 22.46 37.20
C THR A 299 18.94 22.53 35.70
N LEU A 300 18.69 23.67 35.05
CA LEU A 300 19.16 23.86 33.69
C LEU A 300 19.89 25.18 33.54
N LYS A 301 20.81 25.24 32.58
CA LYS A 301 21.49 26.48 32.35
C LYS A 301 21.04 27.06 31.03
N ASP A 302 21.13 26.26 29.98
CA ASP A 302 20.94 26.80 28.64
C ASP A 302 20.41 25.72 27.72
N LEU A 303 19.83 26.12 26.59
CA LEU A 303 19.44 25.18 25.54
C LEU A 303 19.86 25.64 24.14
N ARG A 304 20.36 24.71 23.32
CA ARG A 304 20.70 25.06 21.92
C ARG A 304 20.18 24.09 20.87
N VAL A 305 20.24 24.55 19.62
CA VAL A 305 19.71 23.79 18.49
C VAL A 305 20.77 23.47 17.42
N GLU A 306 20.89 22.20 17.10
CA GLU A 306 21.87 21.77 16.13
C GLU A 306 21.23 21.15 14.90
N LEU A 307 21.49 21.71 13.73
CA LEU A 307 21.08 21.08 12.48
C LEU A 307 21.82 19.80 12.23
N LEU A 308 21.07 18.75 11.99
CA LEU A 308 21.62 17.45 11.89
C LEU A 308 21.64 16.89 10.50
N GLY A 309 20.81 17.42 9.61
CA GLY A 309 20.66 16.73 8.34
C GLY A 309 19.31 16.90 7.71
N GLU A 310 18.85 15.85 7.03
CA GLU A 310 17.72 15.96 6.15
C GLU A 310 17.08 14.61 5.99
N THR A 311 15.80 14.54 6.25
CA THR A 311 15.04 13.31 6.15
C THR A 311 13.97 13.55 5.10
N SER A 312 12.99 12.64 5.02
CA SER A 312 11.79 12.92 4.25
C SER A 312 11.04 13.88 5.13
N ILE A 313 10.08 14.61 4.55
CA ILE A 313 9.16 15.41 5.36
C ILE A 313 8.54 14.51 6.42
N ALA A 314 8.80 14.88 7.66
CA ALA A 314 8.42 14.07 8.78
C ALA A 314 7.07 14.46 9.25
N GLU A 315 6.14 13.49 9.32
CA GLU A 315 4.97 13.72 10.16
C GLU A 315 5.31 13.34 11.56
N CYS A 316 6.02 12.23 11.69
CA CYS A 316 6.12 11.37 12.87
C CYS A 316 7.62 11.09 13.03
N LEU A 317 8.13 11.27 14.25
CA LEU A 317 9.53 10.94 14.65
C LEU A 317 9.67 10.11 15.95
N THR A 318 10.51 9.06 15.92
CA THR A 318 10.72 8.17 17.07
C THR A 318 12.18 7.74 17.13
N TYR A 319 12.90 8.17 18.16
CA TYR A 319 14.24 7.68 18.42
C TYR A 319 14.11 6.21 18.76
N LEU A 320 14.95 5.34 18.20
CA LEU A 320 14.88 3.93 18.52
C LEU A 320 16.09 3.53 19.35
N ASP A 321 16.80 2.48 18.91
CA ASP A 321 17.98 1.94 19.62
C ASP A 321 19.11 2.94 19.76
N ASN A 322 20.15 2.76 18.96
CA ASN A 322 21.40 3.46 19.16
C ASN A 322 21.68 4.21 17.91
N GLY A 323 21.25 5.48 17.89
CA GLY A 323 21.35 6.33 16.74
C GLY A 323 20.42 5.97 15.59
N VAL A 324 19.58 4.95 15.74
CA VAL A 324 18.51 4.72 14.74
C VAL A 324 17.28 5.58 14.99
N VAL A 325 16.81 6.23 13.93
CA VAL A 325 15.64 7.06 14.03
C VAL A 325 14.67 6.62 12.94
N PHE A 326 13.44 6.33 13.36
CA PHE A 326 12.37 6.05 12.40
C PHE A 326 11.72 7.35 12.01
N VAL A 327 11.46 7.50 10.72
CA VAL A 327 10.93 8.74 10.14
C VAL A 327 9.65 8.44 9.39
N GLY A 328 8.50 8.75 10.03
CA GLY A 328 7.19 8.48 9.49
C GLY A 328 6.82 9.68 8.66
N SER A 329 6.57 9.46 7.37
CA SER A 329 6.30 10.53 6.44
C SER A 329 4.95 10.30 5.76
N ARG A 330 4.31 11.38 5.31
CA ARG A 330 3.10 11.22 4.50
C ARG A 330 3.12 12.04 3.19
N LEU A 331 3.87 13.13 3.18
CA LEU A 331 4.12 13.78 1.90
C LEU A 331 5.07 12.93 1.07
N GLY A 332 5.80 12.02 1.74
CA GLY A 332 6.87 11.22 1.08
C GLY A 332 7.12 9.82 1.63
N ASP A 333 8.14 9.13 1.12
CA ASP A 333 8.43 7.79 1.59
C ASP A 333 8.93 7.79 3.06
N SER A 334 8.42 6.86 3.88
CA SER A 334 8.93 6.68 5.25
C SER A 334 10.29 6.03 5.22
N GLN A 335 11.09 6.28 6.26
CA GLN A 335 12.43 5.73 6.22
C GLN A 335 13.10 5.44 7.56
N LEU A 336 14.09 4.53 7.54
CA LEU A 336 14.91 4.25 8.71
C LEU A 336 16.25 4.95 8.56
N VAL A 337 16.73 5.57 9.63
CA VAL A 337 17.84 6.53 9.56
C VAL A 337 18.88 6.37 10.69
N LYS A 338 20.17 6.50 10.35
CA LYS A 338 21.27 6.46 11.33
C LYS A 338 21.84 7.84 11.65
N LEU A 339 21.99 8.11 12.95
CA LEU A 339 22.57 9.35 13.47
C LEU A 339 23.98 9.11 14.01
N ASN A 340 24.91 9.87 13.51
CA ASN A 340 26.29 9.64 13.84
C ASN A 340 26.88 10.80 14.55
N VAL A 341 27.85 10.51 15.40
CA VAL A 341 28.63 11.52 16.09
C VAL A 341 29.42 12.36 15.07
N ASP A 342 29.73 11.75 13.93
CA ASP A 342 30.53 12.41 12.92
C ASP A 342 29.79 12.70 11.62
N SER A 343 29.84 13.95 11.16
CA SER A 343 29.27 14.29 9.87
C SER A 343 29.97 13.56 8.73
N ASN A 344 29.30 13.44 7.59
CA ASN A 344 30.01 13.03 6.38
C ASN A 344 30.45 14.27 5.60
N GLU A 345 30.65 14.10 4.29
CA GLU A 345 30.89 15.21 3.38
C GLU A 345 29.55 15.84 2.90
N GLN A 346 29.46 17.16 3.02
CA GLN A 346 28.19 17.90 2.99
C GLN A 346 27.81 18.27 4.43
N GLY A 347 28.25 17.44 5.36
CA GLY A 347 28.14 17.78 6.78
C GLY A 347 26.81 17.38 7.36
N SER A 348 26.37 16.20 6.97
CA SER A 348 25.12 15.63 7.38
C SER A 348 25.45 14.56 8.43
N TYR A 349 24.91 14.71 9.64
CA TYR A 349 25.04 13.69 10.65
C TYR A 349 24.05 12.56 10.45
N VAL A 350 23.28 12.64 9.38
CA VAL A 350 22.19 11.70 9.12
C VAL A 350 22.54 10.83 7.95
N VAL A 351 22.34 9.53 8.10
CA VAL A 351 22.55 8.62 6.99
C VAL A 351 21.34 7.69 6.85
N ALA A 352 20.70 7.61 5.69
CA ALA A 352 19.54 6.71 5.59
C ALA A 352 19.95 5.26 5.61
N MET A 353 19.19 4.40 6.28
CA MET A 353 19.48 2.98 6.26
C MET A 353 18.44 2.22 5.48
N GLU A 354 17.19 2.65 5.57
CA GLU A 354 16.13 1.98 4.86
C GLU A 354 15.04 2.97 4.50
N THR A 355 14.34 2.68 3.41
CA THR A 355 13.36 3.56 2.83
C THR A 355 12.06 2.81 2.60
N PHE A 356 10.96 3.32 3.11
CA PHE A 356 9.72 2.59 2.87
C PHE A 356 8.87 3.40 1.92
N THR A 357 8.27 2.73 0.92
CA THR A 357 7.55 3.47 -0.09
C THR A 357 6.18 3.80 0.42
N ASN A 358 5.84 5.09 0.29
CA ASN A 358 4.53 5.69 0.56
C ASN A 358 4.01 6.08 -0.77
N LEU A 359 2.82 5.61 -1.21
CA LEU A 359 2.20 6.14 -2.47
C LEU A 359 1.71 7.57 -2.28
N GLY A 360 1.96 8.11 -1.07
CA GLY A 360 2.10 9.54 -0.82
C GLY A 360 0.71 10.01 -0.87
N PRO A 361 0.50 11.34 -0.93
CA PRO A 361 -0.80 11.81 -1.45
C PRO A 361 -0.87 11.51 -2.93
N ILE A 362 -1.73 10.62 -3.34
CA ILE A 362 -1.98 10.43 -4.75
C ILE A 362 -2.84 11.56 -5.24
N VAL A 363 -2.35 12.36 -6.17
CA VAL A 363 -2.97 13.66 -6.44
C VAL A 363 -3.75 13.63 -7.72
N ASP A 364 -3.29 12.83 -8.64
CA ASP A 364 -4.02 12.51 -9.85
C ASP A 364 -3.45 11.20 -10.35
N MET A 365 -4.11 10.54 -11.26
CA MET A 365 -3.56 9.29 -11.75
C MET A 365 -4.15 8.95 -13.10
N CYS A 366 -3.64 7.91 -13.75
CA CYS A 366 -4.31 7.29 -14.92
C CYS A 366 -3.79 5.90 -15.25
N VAL A 367 -4.47 5.25 -16.18
CA VAL A 367 -4.16 3.88 -16.57
C VAL A 367 -3.66 3.85 -17.99
N VAL A 368 -2.55 3.15 -18.22
CA VAL A 368 -1.97 3.05 -19.56
C VAL A 368 -1.14 1.77 -19.70
N ASP A 369 -1.67 0.82 -20.46
CA ASP A 369 -1.00 -0.45 -20.67
C ASP A 369 0.37 -0.26 -21.32
N LEU A 370 1.24 0.49 -20.64
CA LEU A 370 2.58 0.75 -21.14
C LEU A 370 2.95 -0.23 -22.23
N GLU A 371 3.32 -1.46 -21.83
CA GLU A 371 3.71 -2.52 -22.77
C GLU A 371 2.60 -3.09 -23.65
N ARG A 372 1.61 -2.26 -23.99
CA ARG A 372 0.49 -2.64 -24.88
C ARG A 372 0.04 -4.09 -24.67
N GLN A 373 -0.43 -4.39 -23.46
CA GLN A 373 -0.66 -5.78 -23.07
C GLN A 373 -2.10 -6.25 -22.92
N GLY A 374 -2.93 -5.44 -22.27
CA GLY A 374 -4.24 -5.86 -21.83
C GLY A 374 -4.34 -5.72 -20.32
N GLN A 375 -3.19 -5.62 -19.68
CA GLN A 375 -3.14 -5.24 -18.28
C GLN A 375 -2.83 -3.76 -18.19
N GLY A 376 -3.67 -3.05 -17.48
CA GLY A 376 -3.34 -1.68 -17.11
C GLY A 376 -2.22 -1.66 -16.10
N GLN A 377 -1.37 -0.66 -16.22
CA GLN A 377 -0.39 -0.31 -15.23
C GLN A 377 -1.01 0.97 -14.79
N LEU A 378 -0.75 1.38 -13.58
CA LEU A 378 -1.30 2.62 -13.15
C LEU A 378 -0.18 3.60 -12.84
N VAL A 379 -0.38 4.86 -13.22
CA VAL A 379 0.64 5.87 -13.07
C VAL A 379 0.06 7.00 -12.24
N THR A 380 0.68 7.30 -11.10
CA THR A 380 0.14 8.32 -10.18
C THR A 380 1.02 9.51 -10.01
N CYS A 381 0.45 10.69 -9.85
CA CYS A 381 1.24 11.80 -9.32
C CYS A 381 1.32 11.70 -7.81
N SER A 382 2.51 11.48 -7.26
CA SER A 382 2.59 11.38 -5.83
C SER A 382 3.47 12.38 -5.13
N GLY A 383 3.19 12.52 -3.84
CA GLY A 383 4.06 13.27 -3.01
C GLY A 383 3.78 14.74 -3.17
N ALA A 384 4.66 15.54 -2.60
CA ALA A 384 4.58 16.98 -2.73
C ALA A 384 5.98 17.49 -2.54
N PHE A 385 6.23 18.70 -3.02
CA PHE A 385 7.55 19.30 -2.84
C PHE A 385 8.68 18.30 -3.14
N LYS A 386 9.79 18.37 -2.41
CA LYS A 386 10.95 17.53 -2.76
C LYS A 386 10.65 15.99 -2.84
N GLU A 387 9.63 15.53 -2.11
CA GLU A 387 9.16 14.14 -2.23
C GLU A 387 8.33 13.81 -3.48
N GLY A 388 8.09 14.80 -4.32
CA GLY A 388 7.12 14.55 -5.41
C GLY A 388 7.57 13.42 -6.30
N SER A 389 6.67 12.72 -6.95
CA SER A 389 7.15 11.67 -7.85
C SER A 389 6.06 11.12 -8.74
N LEU A 390 6.43 10.28 -9.70
CA LEU A 390 5.45 9.42 -10.34
C LEU A 390 5.70 8.05 -9.82
N ARG A 391 4.66 7.24 -9.83
CA ARG A 391 4.78 5.86 -9.41
C ARG A 391 3.98 4.99 -10.36
N ILE A 392 4.66 4.03 -10.98
CA ILE A 392 4.02 3.20 -11.98
C ILE A 392 3.72 1.91 -11.25
N ILE A 393 2.48 1.46 -11.33
CA ILE A 393 2.00 0.43 -10.42
C ILE A 393 1.42 -0.78 -11.15
N ARG A 394 2.12 -1.90 -10.98
CA ARG A 394 1.90 -3.07 -11.82
C ARG A 394 1.61 -4.27 -10.94
N ASN A 395 0.43 -4.83 -11.10
CA ASN A 395 0.06 -6.10 -10.51
C ASN A 395 0.96 -7.18 -11.11
N GLY A 396 1.47 -8.05 -10.27
CA GLY A 396 2.00 -9.28 -10.78
C GLY A 396 3.48 -9.39 -10.95
N ILE A 397 3.95 -10.60 -10.75
CA ILE A 397 5.34 -10.89 -10.90
C ILE A 397 5.60 -11.26 -12.37
N GLY A 398 6.45 -10.45 -13.01
CA GLY A 398 6.70 -10.58 -14.43
C GLY A 398 8.03 -11.22 -14.68
N ILE A 399 8.20 -11.78 -15.88
CA ILE A 399 9.51 -12.31 -16.33
C ILE A 399 9.88 -11.92 -17.79
N HIS A 400 11.20 -11.85 -18.06
CA HIS A 400 11.75 -11.37 -19.36
C HIS A 400 12.29 -12.50 -20.27
N GLU A 401 11.62 -12.75 -21.40
CA GLU A 401 11.85 -13.93 -22.30
C GLU A 401 13.04 -13.90 -23.27
N HIS A 402 14.03 -14.73 -22.99
CA HIS A 402 15.30 -14.72 -23.73
C HIS A 402 15.28 -15.53 -25.02
N ALA A 403 15.02 -16.83 -24.96
CA ALA A 403 14.85 -17.60 -26.21
C ALA A 403 13.38 -17.97 -26.39
N SER A 404 13.06 -18.62 -27.50
CA SER A 404 11.67 -18.96 -27.79
C SER A 404 11.58 -20.18 -28.72
N ILE A 405 11.57 -21.37 -28.13
CA ILE A 405 11.66 -22.60 -28.90
C ILE A 405 10.33 -23.36 -28.87
N ASP A 406 9.59 -23.34 -30.00
CA ASP A 406 8.26 -24.00 -30.09
C ASP A 406 8.36 -25.51 -29.96
N LEU A 407 8.12 -26.02 -28.75
CA LEU A 407 8.24 -27.45 -28.49
C LEU A 407 6.98 -28.07 -27.90
N PRO A 408 6.01 -28.42 -28.77
CA PRO A 408 4.76 -29.04 -28.33
C PRO A 408 4.99 -30.43 -27.76
N GLY A 409 5.22 -30.49 -26.45
CA GLY A 409 5.41 -31.74 -25.74
C GLY A 409 5.94 -31.55 -24.34
N ILE A 410 7.17 -31.04 -24.25
CA ILE A 410 7.95 -30.96 -23.02
C ILE A 410 7.22 -31.35 -21.73
N LYS A 411 7.64 -32.46 -21.13
CA LYS A 411 6.99 -33.03 -19.96
C LYS A 411 7.88 -33.02 -18.76
N GLY A 412 8.80 -32.08 -18.73
CA GLY A 412 9.64 -31.87 -17.56
C GLY A 412 10.92 -31.24 -18.04
N LEU A 413 11.82 -31.01 -17.10
CA LEU A 413 13.16 -30.48 -17.37
C LEU A 413 13.89 -30.18 -16.07
N TRP A 414 15.14 -30.67 -16.00
CA TRP A 414 16.02 -30.42 -14.87
C TRP A 414 17.30 -29.78 -15.39
N PRO A 415 18.14 -29.30 -14.48
CA PRO A 415 19.40 -28.65 -14.84
C PRO A 415 20.36 -29.62 -15.53
N LEU A 416 21.56 -29.15 -15.86
CA LEU A 416 22.56 -29.98 -16.51
C LEU A 416 23.85 -29.20 -16.76
N ARG A 417 24.86 -29.45 -15.93
CA ARG A 417 26.16 -28.83 -16.11
C ARG A 417 27.10 -29.79 -16.79
N SER A 418 27.45 -29.46 -18.02
CA SER A 418 28.41 -30.25 -18.77
C SER A 418 29.82 -30.08 -18.23
N ASP A 419 29.95 -30.17 -16.90
CA ASP A 419 31.24 -30.03 -16.25
C ASP A 419 31.17 -30.15 -14.72
N PRO A 420 32.14 -30.86 -14.16
CA PRO A 420 32.29 -31.10 -12.71
C PRO A 420 32.74 -29.92 -11.82
N ASN A 421 32.90 -28.72 -12.38
CA ASN A 421 33.32 -27.55 -11.61
C ASN A 421 32.39 -26.34 -11.64
N ARG A 422 32.23 -25.71 -12.81
CA ARG A 422 31.40 -24.51 -12.99
C ARG A 422 29.95 -24.74 -12.52
N GLU A 423 29.34 -23.67 -11.99
CA GLU A 423 27.93 -23.69 -11.55
C GLU A 423 27.01 -23.78 -12.75
N THR A 424 27.57 -23.49 -13.93
CA THR A 424 26.81 -23.40 -15.18
C THR A 424 26.55 -24.75 -15.87
N TYR A 425 25.39 -24.84 -16.49
CA TYR A 425 24.86 -26.03 -17.11
C TYR A 425 24.72 -25.70 -18.58
N ASP A 426 25.41 -26.42 -19.46
CA ASP A 426 25.26 -26.15 -20.89
C ASP A 426 24.36 -27.17 -21.58
N THR A 427 23.50 -27.84 -20.80
CA THR A 427 22.54 -28.79 -21.36
C THR A 427 21.23 -28.81 -20.58
N LEU A 428 20.13 -29.04 -21.28
CA LEU A 428 18.85 -29.24 -20.61
C LEU A 428 18.13 -30.45 -21.15
N VAL A 429 18.09 -31.50 -20.34
CA VAL A 429 17.34 -32.69 -20.69
C VAL A 429 15.92 -32.52 -20.23
N LEU A 430 15.02 -32.76 -21.17
CA LEU A 430 13.61 -32.50 -21.02
C LEU A 430 12.78 -33.75 -21.31
N SER A 431 12.15 -34.31 -20.27
CA SER A 431 11.15 -35.34 -20.52
C SER A 431 10.21 -34.85 -21.62
N PHE A 432 9.79 -35.76 -22.48
CA PHE A 432 8.98 -35.40 -23.65
C PHE A 432 7.82 -36.39 -23.79
N VAL A 433 6.91 -36.10 -24.71
CA VAL A 433 5.78 -36.99 -25.07
C VAL A 433 6.26 -38.44 -25.34
N GLY A 434 6.62 -39.13 -24.27
CA GLY A 434 7.10 -40.51 -24.37
C GLY A 434 8.54 -40.63 -24.85
N GLN A 435 9.26 -39.51 -24.94
CA GLN A 435 10.65 -39.52 -25.40
C GLN A 435 11.53 -38.70 -24.47
N THR A 436 12.79 -38.55 -24.86
CA THR A 436 13.72 -37.63 -24.23
C THR A 436 14.64 -37.07 -25.30
N ARG A 437 14.67 -35.74 -25.40
CA ARG A 437 15.63 -35.05 -26.25
C ARG A 437 16.64 -34.31 -25.36
N VAL A 438 17.83 -34.05 -25.91
CA VAL A 438 18.92 -33.47 -25.14
C VAL A 438 19.27 -32.12 -25.77
N LEU A 439 19.73 -31.17 -24.96
CA LEU A 439 20.08 -29.86 -25.50
C LEU A 439 21.42 -29.32 -25.04
N MET A 440 22.49 -29.77 -25.71
CA MET A 440 23.82 -29.23 -25.51
C MET A 440 23.77 -27.81 -26.03
N LEU A 441 24.41 -26.89 -25.31
CA LEU A 441 24.40 -25.51 -25.74
C LEU A 441 25.80 -25.06 -26.08
N ASN A 442 25.93 -24.43 -27.25
CA ASN A 442 27.14 -23.70 -27.59
C ASN A 442 27.20 -22.43 -26.74
N GLY A 443 26.60 -22.50 -25.55
CA GLY A 443 26.54 -21.37 -24.62
C GLY A 443 25.16 -20.73 -24.63
N GLU A 444 24.98 -19.78 -25.55
CA GLU A 444 23.68 -19.11 -25.77
C GLU A 444 22.97 -19.64 -27.02
N GLU A 445 23.60 -20.61 -27.67
CA GLU A 445 23.06 -21.21 -28.90
C GLU A 445 22.36 -22.54 -28.62
N VAL A 446 21.18 -22.69 -29.20
CA VAL A 446 20.33 -23.88 -29.04
C VAL A 446 20.72 -24.98 -30.02
N GLU A 447 20.95 -26.18 -29.49
CA GLU A 447 21.48 -27.29 -30.27
C GLU A 447 21.14 -28.63 -29.60
N GLU A 448 20.56 -29.55 -30.36
CA GLU A 448 20.15 -30.84 -29.82
C GLU A 448 20.95 -32.03 -30.36
N THR A 449 21.64 -32.71 -29.43
CA THR A 449 22.46 -33.87 -29.77
C THR A 449 22.13 -35.08 -28.91
N GLU A 450 23.08 -36.00 -28.86
CA GLU A 450 22.97 -37.28 -28.16
C GLU A 450 23.69 -37.22 -26.82
N LEU A 451 23.59 -38.30 -26.04
CA LEU A 451 24.42 -38.51 -24.84
C LEU A 451 24.46 -39.96 -24.35
N MET A 452 25.52 -40.29 -23.63
CA MET A 452 25.79 -41.65 -23.15
C MET A 452 24.79 -42.06 -22.05
N GLY A 453 24.47 -43.34 -21.99
CA GLY A 453 23.60 -43.91 -20.96
C GLY A 453 22.32 -43.14 -20.66
N PHE A 454 21.85 -42.37 -21.64
CA PHE A 454 20.67 -41.53 -21.51
C PHE A 454 19.82 -41.78 -22.74
N VAL A 455 18.66 -42.40 -22.54
CA VAL A 455 17.85 -42.91 -23.68
C VAL A 455 17.10 -41.84 -24.46
N ASP A 456 17.07 -42.01 -25.77
CA ASP A 456 16.42 -41.09 -26.71
C ASP A 456 15.03 -41.55 -27.18
N ASP A 457 14.77 -42.85 -27.12
CA ASP A 457 13.44 -43.40 -27.46
C ASP A 457 12.68 -43.84 -26.21
N GLN A 458 13.05 -43.26 -25.07
CA GLN A 458 12.41 -43.55 -23.80
C GLN A 458 12.22 -42.29 -22.98
N GLN A 459 10.97 -42.05 -22.57
CA GLN A 459 10.61 -40.93 -21.70
C GLN A 459 11.44 -40.87 -20.42
N THR A 460 11.86 -39.66 -20.05
CA THR A 460 12.70 -39.48 -18.86
C THR A 460 11.92 -38.81 -17.73
N PHE A 461 11.80 -39.53 -16.62
CA PHE A 461 11.00 -39.07 -15.47
C PHE A 461 11.82 -38.24 -14.51
N PHE A 462 13.09 -38.05 -14.85
CA PHE A 462 14.03 -37.38 -13.95
C PHE A 462 15.43 -37.22 -14.50
N CYS A 463 16.22 -36.34 -13.87
CA CYS A 463 17.60 -36.00 -14.26
C CYS A 463 18.45 -35.44 -13.12
N GLY A 464 17.88 -35.29 -11.91
CA GLY A 464 18.59 -34.78 -10.70
C GLY A 464 19.94 -34.11 -10.87
N ASN A 465 20.87 -34.37 -9.95
CA ASN A 465 22.30 -33.96 -10.08
C ASN A 465 23.19 -34.71 -9.08
N VAL A 466 23.19 -36.03 -9.20
CA VAL A 466 23.87 -36.93 -8.24
C VAL A 466 25.39 -36.75 -8.18
N ALA A 467 25.89 -36.55 -6.96
CA ALA A 467 27.30 -36.38 -6.67
C ALA A 467 28.12 -37.62 -7.05
N HIS A 468 29.44 -37.57 -6.82
CA HIS A 468 30.39 -38.66 -7.14
C HIS A 468 30.75 -38.73 -8.63
N GLN A 469 30.70 -37.55 -9.26
CA GLN A 469 31.01 -37.38 -10.68
C GLN A 469 30.17 -38.31 -11.57
N GLN A 470 28.85 -38.20 -11.46
CA GLN A 470 27.92 -39.01 -12.28
C GLN A 470 26.58 -38.32 -12.60
N LEU A 471 26.05 -38.61 -13.80
CA LEU A 471 24.76 -38.04 -14.26
C LEU A 471 23.65 -39.12 -14.31
N ILE A 472 22.50 -38.81 -13.73
CA ILE A 472 21.38 -39.76 -13.61
C ILE A 472 20.28 -39.54 -14.65
N GLN A 473 19.71 -40.63 -15.13
CA GLN A 473 18.51 -40.58 -15.96
C GLN A 473 17.48 -41.64 -15.55
N ILE A 474 16.62 -41.30 -14.59
CA ILE A 474 15.49 -42.14 -14.28
C ILE A 474 14.53 -42.12 -15.49
N THR A 475 14.12 -43.29 -15.92
CA THR A 475 13.24 -43.41 -17.07
C THR A 475 12.05 -44.24 -16.61
N SER A 476 11.14 -44.56 -17.55
CA SER A 476 10.06 -45.49 -17.30
C SER A 476 10.68 -46.75 -16.73
N ALA A 477 11.52 -47.37 -17.55
CA ALA A 477 12.19 -48.60 -17.19
C ALA A 477 13.13 -48.47 -15.99
N SER A 478 14.35 -48.01 -16.24
CA SER A 478 15.46 -48.27 -15.35
C SER A 478 16.19 -47.02 -14.92
N VAL A 479 16.36 -46.84 -13.61
CA VAL A 479 17.25 -45.77 -13.08
C VAL A 479 18.70 -45.97 -13.56
N ARG A 480 19.08 -45.21 -14.61
CA ARG A 480 20.36 -45.37 -15.33
C ARG A 480 21.53 -44.69 -14.61
N LEU A 481 22.73 -44.78 -15.17
CA LEU A 481 23.92 -44.11 -14.60
C LEU A 481 24.97 -43.78 -15.67
N VAL A 482 25.57 -42.58 -15.56
CA VAL A 482 26.63 -42.11 -16.45
C VAL A 482 27.64 -41.35 -15.61
N SER A 483 28.90 -41.29 -16.07
CA SER A 483 29.94 -40.67 -15.26
C SER A 483 30.47 -39.34 -15.79
N GLN A 484 31.34 -38.74 -15.00
CA GLN A 484 32.09 -37.56 -15.39
C GLN A 484 33.49 -37.98 -15.82
N GLU A 485 34.01 -39.03 -15.16
CA GLU A 485 35.26 -39.68 -15.57
C GLU A 485 35.01 -40.65 -16.75
N PRO A 486 34.33 -41.79 -16.52
CA PRO A 486 33.88 -42.68 -17.61
C PRO A 486 32.91 -42.05 -18.62
N LYS A 487 31.79 -41.51 -18.17
CA LYS A 487 30.78 -40.93 -19.07
C LYS A 487 30.22 -42.03 -20.00
N ALA A 488 29.60 -43.04 -19.40
CA ALA A 488 29.10 -44.20 -20.14
C ALA A 488 27.98 -44.94 -19.39
N LEU A 489 28.07 -46.27 -19.35
CA LEU A 489 27.05 -47.13 -18.73
C LEU A 489 27.54 -47.62 -17.36
N VAL A 490 28.04 -46.67 -16.58
CA VAL A 490 28.55 -46.88 -15.22
C VAL A 490 27.75 -47.88 -14.39
N SER A 491 26.43 -47.74 -14.40
CA SER A 491 25.51 -48.69 -13.74
C SER A 491 24.11 -48.62 -14.38
N GLU A 492 23.20 -49.46 -13.88
CA GLU A 492 21.81 -49.51 -14.36
C GLU A 492 20.95 -50.39 -13.45
N TRP A 493 20.04 -49.76 -12.72
CA TRP A 493 19.07 -50.48 -11.90
C TRP A 493 17.91 -50.88 -12.79
N LYS A 494 17.23 -51.96 -12.42
CA LYS A 494 16.04 -52.43 -13.13
C LYS A 494 15.13 -53.13 -12.14
N GLU A 495 13.81 -52.98 -12.33
CA GLU A 495 12.84 -53.58 -11.41
C GLU A 495 12.81 -55.10 -11.58
N PRO A 496 13.11 -55.76 -10.49
CA PRO A 496 13.25 -57.20 -10.56
C PRO A 496 12.38 -57.77 -11.73
N GLN A 497 11.06 -57.90 -11.67
CA GLN A 497 10.24 -58.41 -12.77
C GLN A 497 9.98 -57.70 -14.09
N ALA A 498 10.70 -56.61 -14.36
CA ALA A 498 10.47 -55.81 -15.57
C ALA A 498 9.13 -55.08 -15.50
N LYS A 499 9.05 -54.12 -14.56
CA LYS A 499 7.87 -53.27 -14.35
C LYS A 499 8.29 -51.81 -14.17
N ASN A 500 7.57 -50.91 -14.87
CA ASN A 500 7.90 -49.48 -14.90
C ASN A 500 7.98 -48.80 -13.54
N ILE A 501 8.94 -47.91 -13.37
CA ILE A 501 8.90 -46.96 -12.27
C ILE A 501 7.72 -46.06 -12.57
N SER A 502 6.90 -45.77 -11.56
CA SER A 502 5.77 -44.90 -11.78
C SER A 502 6.11 -43.46 -11.43
N VAL A 503 6.78 -43.28 -10.31
CA VAL A 503 7.02 -41.98 -9.73
C VAL A 503 8.38 -41.72 -9.15
N ALA A 504 9.19 -40.95 -9.87
CA ALA A 504 10.57 -40.67 -9.45
C ALA A 504 10.75 -39.57 -8.40
N SER A 505 11.94 -39.49 -7.83
CA SER A 505 12.25 -38.49 -6.82
C SER A 505 13.63 -38.71 -6.21
N CYS A 506 14.35 -37.62 -5.97
CA CYS A 506 15.68 -37.70 -5.40
C CYS A 506 16.37 -36.34 -5.41
N ASN A 507 17.57 -36.28 -4.85
CA ASN A 507 18.33 -35.03 -4.79
C ASN A 507 19.67 -35.15 -5.52
N SER A 508 20.75 -35.13 -4.76
CA SER A 508 22.10 -35.23 -5.34
C SER A 508 22.86 -36.35 -4.61
N SER A 509 22.17 -36.99 -3.68
CA SER A 509 22.71 -38.04 -2.81
C SER A 509 21.68 -39.15 -2.56
N GLN A 510 20.41 -38.79 -2.58
CA GLN A 510 19.31 -39.73 -2.29
C GLN A 510 18.56 -40.16 -3.54
N VAL A 511 17.93 -41.33 -3.47
CA VAL A 511 17.04 -41.84 -4.52
C VAL A 511 15.87 -42.60 -3.89
N VAL A 512 14.67 -42.33 -4.39
CA VAL A 512 13.45 -43.10 -4.09
C VAL A 512 12.57 -43.14 -5.34
N VAL A 513 12.19 -44.33 -5.76
CA VAL A 513 11.21 -44.49 -6.84
C VAL A 513 9.93 -45.09 -6.23
N ALA A 514 8.98 -45.48 -7.08
CA ALA A 514 7.84 -46.30 -6.63
C ALA A 514 7.30 -46.98 -7.87
N VAL A 515 6.68 -48.15 -7.68
CA VAL A 515 6.12 -48.93 -8.79
C VAL A 515 4.59 -48.90 -8.83
N GLY A 516 4.00 -48.65 -7.66
CA GLY A 516 2.57 -48.58 -7.48
C GLY A 516 2.46 -48.16 -6.04
N ARG A 517 2.39 -49.15 -5.15
CA ARG A 517 2.20 -48.91 -3.73
C ARG A 517 3.58 -49.32 -3.29
N ALA A 518 4.29 -49.96 -4.20
CA ALA A 518 5.61 -50.52 -3.92
C ALA A 518 6.65 -49.40 -3.75
N LEU A 519 7.40 -49.49 -2.67
CA LEU A 519 8.40 -48.48 -2.35
C LEU A 519 9.76 -49.10 -2.14
N TYR A 520 10.69 -48.75 -3.03
CA TYR A 520 12.08 -49.13 -2.86
C TYR A 520 12.87 -48.02 -2.14
N TYR A 521 14.16 -47.95 -2.47
CA TYR A 521 15.15 -46.96 -2.00
C TYR A 521 16.52 -47.48 -2.47
N LEU A 522 17.21 -46.69 -3.29
CA LEU A 522 18.59 -46.97 -3.69
C LEU A 522 19.54 -45.77 -3.51
N GLN A 523 20.84 -46.00 -3.62
CA GLN A 523 21.86 -44.93 -3.49
C GLN A 523 22.90 -45.08 -4.60
N ILE A 524 23.30 -43.96 -5.18
CA ILE A 524 24.31 -43.95 -6.25
C ILE A 524 25.74 -43.98 -5.67
N HIS A 525 26.06 -45.05 -4.94
CA HIS A 525 27.37 -45.16 -4.28
C HIS A 525 28.50 -45.38 -5.27
N PRO A 526 29.73 -44.96 -4.89
CA PRO A 526 30.77 -44.67 -5.90
C PRO A 526 30.66 -45.48 -7.19
N GLN A 527 30.11 -44.84 -8.24
CA GLN A 527 30.03 -45.40 -9.60
C GLN A 527 29.14 -46.62 -9.74
N GLU A 528 28.10 -46.69 -8.91
CA GLU A 528 27.14 -47.81 -8.97
C GLU A 528 25.92 -47.55 -8.10
N LEU A 529 24.82 -48.20 -8.46
CA LEU A 529 23.57 -48.05 -7.73
C LEU A 529 23.26 -49.20 -6.74
N ARG A 530 23.60 -48.99 -5.46
CA ARG A 530 23.32 -49.99 -4.42
C ARG A 530 21.95 -49.79 -3.76
N GLN A 531 21.17 -50.88 -3.69
CA GLN A 531 19.79 -50.85 -3.17
C GLN A 531 19.71 -50.95 -1.63
N ILE A 532 18.55 -50.60 -1.06
CA ILE A 532 18.30 -50.76 0.37
C ILE A 532 16.88 -51.24 0.67
N SER A 533 16.03 -50.38 1.23
CA SER A 533 14.77 -50.79 1.88
C SER A 533 13.66 -51.24 0.93
N HIS A 534 12.52 -51.65 1.51
CA HIS A 534 11.29 -51.90 0.76
C HIS A 534 10.03 -51.81 1.63
N THR A 535 8.90 -51.50 0.98
CA THR A 535 7.58 -51.46 1.61
C THR A 535 6.50 -51.31 0.54
N GLU A 536 5.31 -51.82 0.84
CA GLU A 536 4.13 -51.69 0.00
C GLU A 536 3.13 -50.73 0.66
N MET A 537 2.20 -50.15 -0.12
CA MET A 537 1.28 -49.14 0.43
C MET A 537 -0.18 -49.48 0.18
N GLU A 538 -1.03 -49.09 1.13
CA GLU A 538 -2.48 -49.23 1.03
C GLU A 538 -2.93 -49.20 -0.43
N HIS A 539 -2.68 -48.05 -1.08
CA HIS A 539 -3.13 -47.73 -2.46
C HIS A 539 -2.01 -47.20 -3.34
N GLU A 540 -2.30 -46.99 -4.62
CA GLU A 540 -1.33 -46.41 -5.58
C GLU A 540 -0.65 -45.14 -5.07
N VAL A 541 0.67 -45.10 -5.16
CA VAL A 541 1.42 -43.89 -4.82
C VAL A 541 1.25 -42.86 -5.93
N ALA A 542 0.62 -41.73 -5.61
CA ALA A 542 0.39 -40.64 -6.59
C ALA A 542 1.61 -39.78 -6.76
N CYS A 543 2.26 -39.38 -5.66
CA CYS A 543 3.48 -38.56 -5.73
C CYS A 543 4.30 -38.58 -4.45
N LEU A 544 5.57 -38.19 -4.58
CA LEU A 544 6.56 -38.28 -3.52
C LEU A 544 7.45 -37.04 -3.51
N ASP A 545 7.99 -36.67 -2.35
CA ASP A 545 9.06 -35.66 -2.33
C ASP A 545 10.15 -35.95 -1.32
N ILE A 546 11.39 -35.93 -1.80
CA ILE A 546 12.58 -35.97 -0.95
C ILE A 546 13.60 -34.90 -1.29
N THR A 547 14.15 -34.28 -0.25
CA THR A 547 15.21 -33.28 -0.36
C THR A 547 15.77 -33.05 1.05
N PRO A 548 17.11 -33.16 1.21
CA PRO A 548 17.74 -33.02 2.53
C PRO A 548 17.61 -31.58 3.03
N LEU A 549 16.99 -31.44 4.19
CA LEU A 549 16.60 -30.11 4.67
C LEU A 549 17.70 -29.36 5.43
N GLY A 550 17.48 -29.09 6.71
CA GLY A 550 18.40 -28.24 7.49
C GLY A 550 19.63 -28.93 8.05
N ASP A 551 19.39 -29.97 8.85
CA ASP A 551 20.43 -30.60 9.67
C ASP A 551 21.08 -31.84 9.06
N SER A 552 20.86 -32.06 7.76
CA SER A 552 21.44 -33.21 7.07
C SER A 552 21.77 -32.93 5.61
N ASN A 553 23.05 -33.09 5.26
CA ASN A 553 23.52 -32.86 3.90
C ASN A 553 23.36 -34.12 3.04
N GLY A 554 22.56 -34.04 1.98
CA GLY A 554 22.37 -35.14 1.03
C GLY A 554 21.51 -36.31 1.52
N LEU A 555 21.96 -36.96 2.59
CA LEU A 555 21.22 -38.04 3.23
C LEU A 555 19.99 -37.46 3.91
N SER A 556 18.81 -37.84 3.42
CA SER A 556 17.55 -37.15 3.78
C SER A 556 16.68 -37.88 4.81
N PRO A 557 16.33 -37.20 5.94
CA PRO A 557 15.38 -37.63 7.01
C PRO A 557 13.95 -38.03 6.55
N LEU A 558 12.92 -37.63 7.30
CA LEU A 558 11.54 -38.13 7.10
C LEU A 558 10.88 -37.72 5.78
N CYS A 559 9.65 -38.20 5.55
CA CYS A 559 8.99 -37.97 4.25
C CYS A 559 7.44 -37.90 4.20
N ALA A 560 6.95 -37.63 2.99
CA ALA A 560 5.54 -37.38 2.70
C ALA A 560 5.16 -37.90 1.31
N ILE A 561 3.91 -38.33 1.19
CA ILE A 561 3.45 -39.07 0.02
C ILE A 561 1.96 -38.84 -0.25
N GLY A 562 1.57 -38.92 -1.53
CA GLY A 562 0.15 -38.83 -1.88
C GLY A 562 -0.39 -40.11 -2.52
N LEU A 563 -1.49 -40.61 -1.99
CA LEU A 563 -2.09 -41.85 -2.45
C LEU A 563 -3.23 -41.66 -3.42
N TRP A 564 -3.86 -42.75 -3.82
CA TRP A 564 -4.63 -42.74 -5.03
C TRP A 564 -6.07 -43.19 -5.01
N THR A 565 -6.71 -43.43 -3.88
CA THR A 565 -8.08 -43.93 -3.99
C THR A 565 -8.94 -43.37 -2.94
N ASP A 566 -8.30 -43.34 -1.81
CA ASP A 566 -8.73 -42.66 -0.62
C ASP A 566 -8.39 -41.18 -0.70
N ILE A 567 -7.75 -40.77 -1.80
CA ILE A 567 -7.27 -39.39 -1.98
C ILE A 567 -6.70 -38.85 -0.67
N SER A 568 -5.42 -39.10 -0.43
CA SER A 568 -4.86 -38.76 0.86
C SER A 568 -3.37 -38.53 0.85
N ALA A 569 -2.91 -37.74 1.83
CA ALA A 569 -1.48 -37.49 2.07
C ALA A 569 -1.07 -37.66 3.56
N ARG A 570 0.16 -38.16 3.75
CA ARG A 570 0.60 -38.74 5.03
C ARG A 570 2.11 -38.64 5.24
N ILE A 571 2.53 -38.67 6.52
CA ILE A 571 3.93 -38.44 6.95
C ILE A 571 4.66 -39.73 7.38
N LEU A 572 5.92 -39.91 6.96
CA LEU A 572 6.69 -41.16 7.17
C LEU A 572 8.22 -40.97 7.39
N LYS A 573 8.98 -42.06 7.57
CA LYS A 573 10.47 -42.02 7.71
C LYS A 573 11.26 -42.73 6.58
N LEU A 574 12.58 -42.93 6.78
CA LEU A 574 13.53 -43.34 5.71
C LEU A 574 13.66 -44.84 5.34
N PRO A 575 14.62 -45.60 5.97
CA PRO A 575 14.63 -47.01 5.58
C PRO A 575 13.48 -47.81 6.21
N SER A 576 12.83 -47.23 7.22
CA SER A 576 11.77 -47.89 7.98
C SER A 576 10.40 -47.82 7.31
N PHE A 577 9.96 -46.59 6.99
CA PHE A 577 8.66 -46.32 6.34
C PHE A 577 7.48 -46.32 7.34
N GLU A 578 7.75 -45.86 8.56
CA GLU A 578 6.72 -45.84 9.60
C GLU A 578 5.77 -44.66 9.47
N LEU A 579 4.49 -44.97 9.45
CA LEU A 579 3.39 -44.01 9.24
C LEU A 579 3.06 -43.19 10.50
N LEU A 580 3.05 -41.86 10.35
CA LEU A 580 2.77 -40.95 11.47
C LEU A 580 1.33 -40.42 11.44
N HIS A 581 1.17 -39.13 11.78
CA HIS A 581 -0.09 -38.41 11.54
C HIS A 581 -0.36 -38.26 10.02
N LYS A 582 -1.59 -37.89 9.69
CA LYS A 582 -2.01 -37.72 8.30
C LYS A 582 -3.21 -36.75 8.09
N GLU A 583 -3.60 -36.59 6.82
CA GLU A 583 -4.79 -35.83 6.46
C GLU A 583 -5.58 -36.62 5.43
N MET A 584 -6.90 -36.62 5.56
CA MET A 584 -7.74 -37.36 4.63
C MET A 584 -8.56 -36.41 3.73
N LEU A 585 -7.87 -35.63 2.89
CA LEU A 585 -8.51 -34.68 1.94
C LEU A 585 -9.66 -35.33 1.16
N GLY A 586 -10.56 -34.50 0.63
CA GLY A 586 -11.79 -35.00 0.03
C GLY A 586 -11.75 -35.25 -1.47
N GLY A 587 -12.92 -35.31 -2.09
CA GLY A 587 -13.03 -35.44 -3.54
C GLY A 587 -12.59 -36.75 -4.16
N GLU A 588 -12.65 -36.78 -5.49
CA GLU A 588 -12.32 -37.95 -6.29
C GLU A 588 -11.13 -37.64 -7.21
N ILE A 589 -10.57 -36.43 -7.05
CA ILE A 589 -9.42 -35.97 -7.83
C ILE A 589 -8.17 -36.11 -6.96
N ILE A 590 -7.11 -36.70 -7.50
CA ILE A 590 -5.90 -36.98 -6.72
C ILE A 590 -4.88 -35.85 -6.66
N PRO A 591 -3.96 -35.94 -5.70
CA PRO A 591 -2.91 -34.94 -5.56
C PRO A 591 -1.80 -35.13 -6.59
N ARG A 592 -1.77 -34.25 -7.60
CA ARG A 592 -0.78 -34.35 -8.65
C ARG A 592 0.63 -34.03 -8.16
N SER A 593 0.71 -33.28 -7.07
CA SER A 593 2.01 -32.91 -6.52
C SER A 593 2.01 -32.93 -4.99
N ILE A 594 3.20 -32.83 -4.40
CA ILE A 594 3.34 -32.83 -2.95
C ILE A 594 4.80 -32.84 -2.53
N LEU A 595 5.40 -31.65 -2.44
CA LEU A 595 6.80 -31.53 -2.06
C LEU A 595 6.95 -30.71 -0.78
N MET A 596 8.13 -30.76 -0.18
CA MET A 596 8.40 -30.03 1.05
C MET A 596 9.50 -28.99 0.85
N THR A 597 9.59 -28.05 1.78
CA THR A 597 10.60 -26.99 1.70
C THR A 597 10.63 -26.12 2.96
N THR A 598 11.53 -25.13 2.96
CA THR A 598 11.67 -24.21 4.09
C THR A 598 12.07 -22.81 3.61
N PHE A 599 12.61 -22.00 4.51
CA PHE A 599 13.04 -20.64 4.14
C PHE A 599 13.98 -19.96 5.15
N GLU A 600 13.47 -19.72 6.35
CA GLU A 600 14.29 -19.18 7.43
C GLU A 600 14.07 -20.01 8.70
N SER A 601 12.85 -19.94 9.24
CA SER A 601 12.52 -20.61 10.50
C SER A 601 11.17 -21.35 10.46
N SER A 602 11.06 -22.30 9.54
CA SER A 602 9.93 -23.23 9.47
C SER A 602 10.16 -24.21 8.32
N HIS A 603 9.90 -25.49 8.56
CA HIS A 603 9.84 -26.48 7.49
C HIS A 603 8.39 -26.58 7.01
N TYR A 604 8.22 -26.88 5.71
CA TYR A 604 6.90 -26.80 5.07
C TYR A 604 6.52 -28.04 4.23
N LEU A 605 5.24 -28.39 4.28
CA LEU A 605 4.64 -29.34 3.35
C LEU A 605 3.45 -28.73 2.65
N LEU A 606 3.41 -28.90 1.33
CA LEU A 606 2.26 -28.46 0.54
C LEU A 606 1.86 -29.56 -0.41
N CYS A 607 0.58 -29.54 -0.77
CA CYS A 607 0.02 -30.57 -1.61
C CYS A 607 -0.96 -30.09 -2.71
N ALA A 608 -0.50 -30.10 -3.97
CA ALA A 608 -1.36 -29.71 -5.09
C ALA A 608 -2.25 -30.87 -5.47
N LEU A 609 -3.50 -30.56 -5.82
CA LEU A 609 -4.35 -31.54 -6.50
C LEU A 609 -4.59 -31.19 -7.95
N GLY A 610 -5.35 -32.06 -8.60
CA GLY A 610 -5.55 -31.96 -10.03
C GLY A 610 -6.73 -31.10 -10.41
N ASP A 611 -7.53 -30.67 -9.43
CA ASP A 611 -8.64 -29.78 -9.74
C ASP A 611 -8.17 -28.34 -9.70
N GLY A 612 -6.87 -28.15 -9.48
CA GLY A 612 -6.30 -26.82 -9.41
C GLY A 612 -6.06 -26.36 -7.99
N ALA A 613 -6.97 -26.74 -7.10
CA ALA A 613 -6.91 -26.32 -5.70
C ALA A 613 -5.65 -26.79 -4.95
N LEU A 614 -5.43 -26.24 -3.77
CA LEU A 614 -4.25 -26.56 -2.98
C LEU A 614 -4.45 -26.46 -1.46
N PHE A 615 -3.90 -27.43 -0.74
CA PHE A 615 -3.94 -27.49 0.71
C PHE A 615 -2.53 -27.27 1.26
N TYR A 616 -2.44 -26.51 2.36
CA TYR A 616 -1.13 -26.05 2.85
C TYR A 616 -0.86 -26.24 4.34
N PHE A 617 0.38 -26.63 4.66
CA PHE A 617 0.79 -27.04 6.01
C PHE A 617 2.30 -26.83 6.32
N GLY A 618 2.59 -26.43 7.56
CA GLY A 618 3.96 -26.36 8.11
C GLY A 618 4.35 -27.59 8.95
N LEU A 619 5.64 -27.92 8.93
CA LEU A 619 6.09 -29.19 9.53
C LEU A 619 7.20 -29.05 10.58
N ASN A 620 7.76 -30.19 10.96
CA ASN A 620 8.73 -30.30 12.03
C ASN A 620 9.74 -31.35 11.69
N ILE A 621 11.00 -30.94 11.54
CA ILE A 621 12.11 -31.86 11.23
C ILE A 621 12.25 -33.02 12.23
N GLU A 622 11.87 -32.79 13.48
CA GLU A 622 11.97 -33.79 14.54
C GLU A 622 10.71 -34.63 14.59
N THR A 623 9.63 -34.01 15.08
CA THR A 623 8.37 -34.68 15.38
C THR A 623 7.69 -35.29 14.16
N GLY A 624 6.85 -34.49 13.50
CA GLY A 624 5.94 -35.00 12.48
C GLY A 624 4.51 -34.87 12.96
N LEU A 625 3.90 -33.73 12.65
CA LEU A 625 2.55 -33.38 13.11
C LEU A 625 1.74 -32.73 11.99
N LEU A 626 0.49 -32.35 12.29
CA LEU A 626 -0.38 -31.61 11.35
C LEU A 626 0.12 -30.16 11.21
N SER A 627 -0.82 -29.26 10.86
CA SER A 627 -0.62 -27.80 10.81
C SER A 627 -1.92 -27.07 10.50
N ASP A 628 -1.90 -26.21 9.47
CA ASP A 628 -3.01 -25.31 9.15
C ASP A 628 -3.81 -25.66 7.89
N ARG A 629 -4.99 -26.26 8.07
CA ARG A 629 -5.80 -26.67 6.93
C ARG A 629 -6.55 -25.52 6.30
N LYS A 630 -6.13 -25.19 5.07
CA LYS A 630 -6.90 -24.29 4.20
C LYS A 630 -6.74 -24.71 2.71
N LYS A 631 -7.61 -24.16 1.86
CA LYS A 631 -7.82 -24.64 0.50
C LYS A 631 -7.96 -23.49 -0.54
N VAL A 632 -6.83 -23.08 -1.13
CA VAL A 632 -6.80 -22.05 -2.18
C VAL A 632 -7.39 -22.52 -3.51
N THR A 633 -7.00 -21.87 -4.60
CA THR A 633 -7.56 -22.23 -5.89
C THR A 633 -6.62 -22.17 -7.12
N LEU A 634 -5.70 -21.21 -7.13
CA LEU A 634 -4.75 -21.08 -8.24
C LEU A 634 -5.38 -21.41 -9.62
N GLY A 635 -4.84 -22.38 -10.34
CA GLY A 635 -5.39 -22.69 -11.66
C GLY A 635 -6.65 -23.53 -11.58
N THR A 636 -7.14 -23.97 -12.73
CA THR A 636 -8.18 -25.00 -12.79
C THR A 636 -7.53 -26.36 -12.99
N GLN A 637 -6.35 -26.34 -13.62
CA GLN A 637 -5.56 -27.53 -13.95
C GLN A 637 -4.60 -27.95 -12.83
N PRO A 638 -4.13 -29.23 -12.86
CA PRO A 638 -3.06 -29.71 -12.01
C PRO A 638 -1.97 -28.66 -11.82
N THR A 639 -1.21 -28.80 -10.77
CA THR A 639 -0.30 -27.76 -10.36
C THR A 639 0.99 -28.40 -9.95
N VAL A 640 2.08 -27.99 -10.60
CA VAL A 640 3.37 -28.62 -10.37
C VAL A 640 4.26 -27.68 -9.60
N LEU A 641 4.52 -28.07 -8.36
CA LEU A 641 5.27 -27.28 -7.42
C LEU A 641 6.77 -27.41 -7.63
N ARG A 642 7.49 -26.30 -7.56
CA ARG A 642 8.94 -26.32 -7.68
C ARG A 642 9.57 -25.25 -6.79
N THR A 643 10.88 -25.06 -6.94
CA THR A 643 11.64 -24.19 -6.06
C THR A 643 12.81 -23.53 -6.80
N PHE A 644 12.90 -22.20 -6.69
CA PHE A 644 13.77 -21.41 -7.55
C PHE A 644 14.87 -20.65 -6.78
N ARG A 645 16.00 -20.44 -7.45
CA ARG A 645 17.05 -19.54 -6.97
C ARG A 645 16.57 -18.09 -7.10
N SER A 646 16.37 -17.42 -5.96
CA SER A 646 16.10 -15.98 -5.95
C SER A 646 17.19 -15.20 -5.22
N LEU A 647 16.89 -14.72 -4.01
CA LEU A 647 17.90 -14.08 -3.17
C LEU A 647 18.19 -14.99 -1.98
N SER A 648 18.18 -14.43 -0.77
CA SER A 648 18.46 -15.20 0.45
C SER A 648 17.45 -16.32 0.70
N THR A 649 16.19 -16.10 0.30
CA THR A 649 15.10 -17.00 0.66
C THR A 649 14.51 -17.75 -0.54
N THR A 650 15.38 -18.20 -1.44
CA THR A 650 15.01 -18.96 -2.67
C THR A 650 13.69 -19.74 -2.56
N ASN A 651 12.75 -19.52 -3.48
CA ASN A 651 11.31 -19.74 -3.18
C ASN A 651 10.52 -20.86 -3.90
N VAL A 652 9.17 -20.84 -3.75
CA VAL A 652 8.24 -21.84 -4.32
C VAL A 652 7.39 -21.35 -5.51
N PHE A 653 7.59 -21.95 -6.68
CA PHE A 653 6.83 -21.59 -7.88
C PHE A 653 5.73 -22.59 -8.22
N ALA A 654 4.52 -22.11 -8.53
CA ALA A 654 3.38 -22.97 -8.87
C ALA A 654 3.04 -23.05 -10.38
N CYS A 655 3.18 -24.24 -10.96
CA CYS A 655 2.94 -24.40 -12.40
C CYS A 655 1.49 -24.73 -12.62
N SER A 656 0.78 -23.83 -13.27
CA SER A 656 -0.67 -23.90 -13.42
C SER A 656 -1.07 -23.16 -14.69
N ASP A 657 -2.35 -23.24 -15.06
CA ASP A 657 -2.87 -22.36 -16.13
C ASP A 657 -2.86 -20.90 -15.66
N ARG A 658 -2.76 -20.71 -14.35
CA ARG A 658 -2.55 -19.41 -13.75
C ARG A 658 -1.30 -19.51 -12.88
N PRO A 659 -0.12 -19.25 -13.49
CA PRO A 659 1.17 -19.38 -12.84
C PRO A 659 1.25 -18.49 -11.62
N THR A 660 1.79 -19.04 -10.53
CA THR A 660 1.73 -18.40 -9.23
C THR A 660 3.08 -18.56 -8.57
N VAL A 661 3.50 -17.54 -7.84
CA VAL A 661 4.62 -17.70 -6.98
C VAL A 661 4.19 -17.72 -5.54
N ILE A 662 4.84 -18.59 -4.77
CA ILE A 662 4.73 -18.59 -3.32
C ILE A 662 6.06 -18.16 -2.68
N TYR A 663 6.04 -16.96 -2.09
CA TYR A 663 7.23 -16.31 -1.49
C TYR A 663 7.21 -16.42 0.05
N SER A 664 7.33 -15.27 0.72
CA SER A 664 7.35 -15.18 2.20
C SER A 664 6.79 -13.86 2.71
N SER A 665 5.85 -13.95 3.66
CA SER A 665 5.24 -12.77 4.26
C SER A 665 5.96 -12.33 5.55
N ASN A 666 5.21 -12.17 6.65
CA ASN A 666 5.77 -11.83 7.97
C ASN A 666 6.90 -12.78 8.36
N HIS A 667 6.60 -14.06 8.17
CA HIS A 667 7.49 -15.20 8.33
C HIS A 667 6.71 -16.23 7.55
N LYS A 668 5.60 -15.75 6.98
CA LYS A 668 4.62 -16.51 6.21
C LYS A 668 5.07 -16.85 4.77
N LEU A 669 4.13 -16.75 3.82
CA LEU A 669 4.31 -17.25 2.45
C LEU A 669 3.42 -16.47 1.48
N VAL A 670 4.00 -15.83 0.45
CA VAL A 670 3.23 -14.98 -0.51
C VAL A 670 2.52 -15.82 -1.58
N PHE A 671 1.52 -15.22 -2.21
CA PHE A 671 0.65 -15.88 -3.18
C PHE A 671 0.27 -14.97 -4.36
N SER A 672 1.27 -14.46 -5.07
CA SER A 672 1.04 -13.46 -6.11
C SER A 672 1.05 -14.07 -7.50
N ASN A 673 0.26 -13.49 -8.39
CA ASN A 673 0.28 -13.84 -9.80
C ASN A 673 1.63 -13.67 -10.51
N VAL A 674 1.83 -14.56 -11.47
CA VAL A 674 2.94 -14.47 -12.38
C VAL A 674 2.38 -14.06 -13.73
N ASN A 675 2.90 -12.99 -14.28
CA ASN A 675 2.33 -12.39 -15.49
C ASN A 675 2.74 -13.15 -16.72
N LEU A 676 2.17 -14.34 -16.85
CA LEU A 676 2.54 -15.26 -17.88
C LEU A 676 1.34 -15.98 -18.41
N LYS A 677 1.49 -16.35 -19.67
CA LYS A 677 0.52 -17.05 -20.47
C LYS A 677 0.05 -18.24 -19.64
N GLU A 678 0.94 -19.23 -19.48
CA GLU A 678 0.67 -20.46 -18.76
C GLU A 678 1.97 -21.23 -18.73
N VAL A 679 2.22 -21.94 -17.65
CA VAL A 679 3.49 -22.61 -17.48
C VAL A 679 3.21 -24.03 -17.03
N ASN A 680 3.79 -25.01 -17.75
CA ASN A 680 3.63 -26.43 -17.43
C ASN A 680 4.66 -26.94 -16.43
N TYR A 681 5.94 -26.76 -16.76
CA TYR A 681 7.09 -27.09 -15.86
C TYR A 681 8.13 -25.96 -15.88
N MET A 682 9.01 -25.94 -14.88
CA MET A 682 9.94 -24.82 -14.70
C MET A 682 11.08 -25.16 -13.74
N CYS A 683 12.30 -24.72 -14.05
CA CYS A 683 13.45 -24.91 -13.14
C CYS A 683 14.54 -23.83 -13.22
N PRO A 684 15.29 -23.63 -12.12
CA PRO A 684 16.49 -22.77 -12.10
C PRO A 684 17.48 -23.19 -13.18
N LEU A 685 18.40 -22.29 -13.54
CA LEU A 685 19.39 -22.50 -14.61
C LEU A 685 20.44 -21.39 -14.58
N ASN A 686 21.50 -21.50 -15.38
CA ASN A 686 22.69 -20.63 -15.21
C ASN A 686 23.80 -20.64 -16.29
N SER A 687 23.51 -21.14 -17.49
CA SER A 687 24.53 -21.27 -18.56
C SER A 687 25.36 -20.02 -18.88
N ASP A 688 26.50 -20.21 -19.53
CA ASP A 688 27.27 -19.10 -20.07
C ASP A 688 26.66 -18.67 -21.41
N GLY A 689 25.63 -17.84 -21.30
CA GLY A 689 24.77 -17.48 -22.41
C GLY A 689 23.37 -17.15 -21.88
N TYR A 690 23.15 -17.49 -20.61
CA TYR A 690 21.86 -17.47 -19.95
C TYR A 690 21.95 -17.64 -18.44
N PRO A 691 22.60 -16.70 -17.76
CA PRO A 691 22.86 -16.81 -16.34
C PRO A 691 21.63 -16.95 -15.46
N ASP A 692 21.66 -16.51 -14.20
CA ASP A 692 20.51 -16.64 -13.29
C ASP A 692 19.14 -16.54 -13.96
N SER A 693 18.76 -17.66 -14.50
CA SER A 693 17.73 -17.91 -15.43
C SER A 693 16.65 -18.60 -14.63
N LEU A 694 15.78 -19.31 -15.36
CA LEU A 694 14.68 -20.05 -14.83
C LEU A 694 14.13 -20.55 -16.10
N ALA A 695 14.07 -21.85 -16.26
CA ALA A 695 13.58 -22.41 -17.50
C ALA A 695 12.10 -22.51 -17.32
N LEU A 696 11.35 -22.44 -18.40
CA LEU A 696 9.91 -22.50 -18.25
C LEU A 696 9.23 -22.94 -19.53
N ALA A 697 8.56 -24.08 -19.47
CA ALA A 697 7.95 -24.65 -20.68
C ALA A 697 6.45 -24.62 -20.62
N ASN A 698 5.84 -24.37 -21.76
CA ASN A 698 4.39 -24.37 -21.83
C ASN A 698 3.90 -25.23 -22.99
N ASN A 699 2.60 -25.14 -23.26
CA ASN A 699 1.95 -25.81 -24.36
C ASN A 699 2.92 -26.12 -25.48
N SER A 700 3.60 -25.14 -25.94
CA SER A 700 4.64 -25.35 -26.94
C SER A 700 5.68 -24.23 -26.92
N THR A 701 6.90 -24.44 -26.25
CA THR A 701 7.94 -23.43 -26.25
C THR A 701 8.71 -23.35 -24.94
N LEU A 702 10.02 -23.34 -25.07
CA LEU A 702 10.93 -23.15 -23.95
C LEU A 702 11.26 -21.66 -23.84
N THR A 703 11.52 -21.21 -22.61
CA THR A 703 11.84 -19.83 -22.27
C THR A 703 12.67 -19.79 -20.99
N ILE A 704 13.29 -18.64 -20.74
CA ILE A 704 14.29 -18.46 -19.71
C ILE A 704 14.43 -16.96 -19.36
N GLY A 705 14.49 -16.62 -18.06
CA GLY A 705 14.59 -15.22 -17.64
C GLY A 705 14.63 -14.98 -16.13
N THR A 706 14.84 -13.74 -15.71
CA THR A 706 14.84 -13.46 -14.25
C THR A 706 13.43 -13.09 -13.77
N ILE A 707 13.33 -12.75 -12.48
CA ILE A 707 12.07 -12.55 -11.80
C ILE A 707 12.05 -11.17 -11.15
N ASP A 708 10.87 -10.65 -10.95
CA ASP A 708 10.70 -9.36 -10.39
C ASP A 708 10.63 -9.49 -8.88
N GLU A 709 10.48 -8.38 -8.19
CA GLU A 709 10.38 -8.41 -6.74
C GLU A 709 9.43 -9.50 -6.32
N ILE A 710 8.19 -9.11 -5.97
CA ILE A 710 7.20 -10.07 -5.49
C ILE A 710 5.83 -9.45 -5.18
N GLN A 711 5.74 -8.68 -4.10
CA GLN A 711 4.49 -8.07 -3.65
C GLN A 711 3.37 -8.11 -4.69
N LYS A 712 2.17 -8.51 -4.27
CA LYS A 712 1.08 -8.68 -5.21
C LYS A 712 1.35 -7.68 -6.33
N LEU A 713 1.85 -6.50 -5.94
CA LEU A 713 2.17 -5.45 -6.90
C LEU A 713 3.63 -4.98 -6.92
N HIS A 714 4.10 -4.67 -8.12
CA HIS A 714 5.33 -3.96 -8.27
C HIS A 714 5.06 -2.46 -8.38
N ILE A 715 5.88 -1.68 -7.71
CA ILE A 715 5.82 -0.26 -7.85
C ILE A 715 7.10 0.29 -8.36
N ARG A 716 7.09 0.80 -9.57
CA ARG A 716 8.26 1.44 -10.11
C ARG A 716 8.37 2.79 -9.47
N THR A 717 9.39 3.49 -9.85
CA THR A 717 9.80 4.73 -9.20
C THR A 717 10.11 5.83 -10.21
N VAL A 718 10.07 7.07 -9.74
CA VAL A 718 10.35 8.23 -10.58
C VAL A 718 10.37 9.48 -9.73
N PRO A 719 11.51 9.74 -9.09
CA PRO A 719 11.66 10.91 -8.20
C PRO A 719 11.58 12.16 -9.01
N LEU A 720 10.64 13.05 -8.75
CA LEU A 720 10.50 14.28 -9.53
C LEU A 720 11.18 15.46 -8.87
N TYR A 721 11.39 15.38 -7.55
CA TYR A 721 12.02 16.46 -6.77
C TYR A 721 11.20 17.72 -6.63
N GLU A 722 10.05 17.76 -7.27
CA GLU A 722 9.06 18.78 -7.01
C GLU A 722 7.69 18.06 -6.92
N SER A 723 6.58 18.79 -6.98
CA SER A 723 5.29 18.17 -6.79
C SER A 723 4.44 18.11 -8.02
N PRO A 724 4.14 16.91 -8.54
CA PRO A 724 3.38 16.78 -9.79
C PRO A 724 1.94 17.10 -9.45
N ARG A 725 1.10 17.40 -10.45
CA ARG A 725 -0.28 17.87 -10.17
C ARG A 725 -1.32 17.21 -11.05
N LYS A 726 -1.04 17.12 -12.34
CA LYS A 726 -1.97 16.40 -13.23
C LYS A 726 -1.27 15.43 -14.18
N ILE A 727 -1.99 14.50 -14.79
CA ILE A 727 -1.23 13.63 -15.65
C ILE A 727 -2.00 13.07 -16.82
N CYS A 728 -1.39 13.16 -18.01
CA CYS A 728 -1.98 12.75 -19.32
C CYS A 728 -1.15 11.84 -20.21
N TYR A 729 -1.80 10.78 -20.69
CA TYR A 729 -1.17 9.92 -21.63
C TYR A 729 -1.60 10.27 -23.07
N GLN A 730 -0.64 10.70 -23.88
CA GLN A 730 -0.80 10.94 -25.32
C GLN A 730 -0.02 9.84 -26.12
N GLU A 731 -0.78 8.82 -26.53
CA GLU A 731 -0.17 7.58 -26.99
C GLU A 731 0.52 7.73 -28.34
N VAL A 732 -0.10 8.44 -29.27
CA VAL A 732 0.53 8.73 -30.57
C VAL A 732 1.97 9.26 -30.44
N SER A 733 2.19 10.14 -29.46
CA SER A 733 3.53 10.66 -29.15
C SER A 733 4.27 9.82 -28.12
N GLN A 734 3.68 8.72 -27.65
CA GLN A 734 4.32 7.83 -26.67
C GLN A 734 4.91 8.52 -25.44
N CYS A 735 4.21 9.52 -24.91
CA CYS A 735 4.66 10.21 -23.72
C CYS A 735 3.53 10.64 -22.75
N PHE A 736 3.95 11.22 -21.63
CA PHE A 736 3.03 11.70 -20.62
C PHE A 736 3.19 13.19 -20.51
N GLY A 737 2.08 13.88 -20.32
CA GLY A 737 2.12 15.29 -20.01
C GLY A 737 1.87 15.33 -18.54
N VAL A 738 2.64 16.15 -17.84
CA VAL A 738 2.48 16.22 -16.39
C VAL A 738 2.64 17.65 -15.96
N LEU A 739 1.65 18.16 -15.22
CA LEU A 739 1.74 19.50 -14.76
C LEU A 739 2.50 19.34 -13.47
N SER A 740 3.37 20.30 -13.15
CA SER A 740 4.24 20.23 -11.99
C SER A 740 4.43 21.63 -11.43
N SER A 741 4.96 21.74 -10.23
CA SER A 741 5.02 23.00 -9.56
C SER A 741 6.27 22.93 -8.69
N ARG A 742 7.05 24.00 -8.68
CA ARG A 742 8.21 24.06 -7.80
C ARG A 742 8.11 25.38 -7.03
N ILE A 743 8.72 25.39 -5.86
CA ILE A 743 8.71 26.55 -5.04
C ILE A 743 10.02 27.28 -5.37
N GLU A 744 10.03 28.60 -5.29
CA GLU A 744 11.28 29.34 -5.45
C GLU A 744 11.20 30.44 -4.41
N VAL A 745 12.31 31.11 -4.16
CA VAL A 745 12.29 32.22 -3.21
C VAL A 745 12.72 33.51 -3.89
N GLN A 746 12.18 34.62 -3.37
CA GLN A 746 12.63 35.97 -3.70
C GLN A 746 14.17 36.03 -3.69
N ASP A 747 14.73 37.04 -4.33
CA ASP A 747 16.18 37.21 -4.31
C ASP A 747 16.62 38.40 -3.47
N THR A 748 17.71 39.02 -3.93
CA THR A 748 18.07 40.36 -3.53
C THR A 748 18.05 41.20 -4.81
N SER A 749 17.88 40.50 -5.93
CA SER A 749 17.40 41.08 -7.17
C SER A 749 15.87 41.05 -7.12
N GLY A 750 15.33 40.60 -6.00
CA GLY A 750 13.89 40.40 -5.82
C GLY A 750 13.46 39.13 -6.53
N GLY A 751 13.99 38.93 -7.75
CA GLY A 751 13.68 37.79 -8.62
C GLY A 751 13.76 36.43 -7.94
N THR A 752 13.13 35.42 -8.54
CA THR A 752 13.08 34.09 -7.90
C THR A 752 14.13 33.10 -8.41
N THR A 753 14.67 32.34 -7.48
CA THR A 753 15.80 31.46 -7.77
C THR A 753 15.44 29.97 -7.80
N ALA A 754 15.28 29.35 -6.63
CA ALA A 754 15.10 27.89 -6.49
C ALA A 754 15.87 27.36 -5.28
N LEU A 755 15.54 26.14 -4.86
CA LEU A 755 16.13 25.58 -3.64
C LEU A 755 16.89 24.28 -3.88
N ARG A 756 16.61 23.62 -5.01
CA ARG A 756 17.30 22.42 -5.46
C ARG A 756 17.01 22.11 -6.93
N PRO A 757 17.74 21.17 -7.54
CA PRO A 757 17.49 20.89 -8.96
C PRO A 757 16.27 19.98 -9.10
N SER A 758 15.27 20.45 -9.84
CA SER A 758 13.99 19.76 -9.96
C SER A 758 13.99 18.90 -11.21
N ALA A 759 12.84 18.43 -11.65
CA ALA A 759 12.75 17.89 -12.99
C ALA A 759 12.48 18.98 -14.01
N SER A 760 11.93 20.11 -13.59
CA SER A 760 11.64 21.20 -14.52
C SER A 760 12.93 21.92 -14.96
N THR A 761 13.91 21.92 -14.07
CA THR A 761 15.14 22.62 -14.27
C THR A 761 16.23 21.69 -14.81
N GLN A 762 16.14 20.39 -14.52
CA GLN A 762 17.07 19.37 -15.08
C GLN A 762 16.53 18.75 -16.36
N ALA A 763 15.50 19.38 -16.93
CA ALA A 763 14.86 18.95 -18.17
C ALA A 763 15.84 18.79 -19.36
N LEU A 764 15.61 17.84 -20.26
CA LEU A 764 16.53 17.66 -21.39
C LEU A 764 16.55 18.86 -22.37
N SER A 765 15.41 19.56 -22.44
CA SER A 765 15.28 20.80 -23.25
C SER A 765 14.13 21.63 -22.66
N SER A 766 13.84 22.81 -23.21
CA SER A 766 12.97 23.74 -22.47
C SER A 766 12.40 25.05 -23.12
N SER A 767 11.19 25.40 -22.68
CA SER A 767 10.51 26.63 -23.10
C SER A 767 10.17 27.51 -21.95
N VAL A 768 9.90 28.77 -22.21
CA VAL A 768 9.13 29.54 -21.28
C VAL A 768 7.92 30.05 -22.03
N SER A 769 6.90 30.45 -21.29
CA SER A 769 5.76 31.07 -21.91
C SER A 769 6.19 32.49 -22.34
N SER A 770 5.83 32.87 -23.56
CA SER A 770 6.22 34.17 -24.10
C SER A 770 5.03 35.15 -24.20
N SER A 771 3.97 34.72 -24.87
CA SER A 771 2.60 35.30 -24.76
C SER A 771 2.40 36.54 -23.83
N LYS A 772 1.63 37.52 -24.31
CA LYS A 772 1.62 38.85 -23.69
C LYS A 772 0.23 39.36 -23.33
N LEU A 773 -0.65 38.42 -22.97
CA LEU A 773 -2.08 38.68 -22.72
C LEU A 773 -2.46 39.54 -21.52
N PHE A 774 -1.51 39.76 -20.63
CA PHE A 774 -1.78 40.49 -19.40
C PHE A 774 -0.81 41.67 -19.22
N SER A 775 -1.15 42.59 -18.32
CA SER A 775 -0.49 43.91 -18.25
C SER A 775 -0.08 44.40 -16.86
N SER A 776 -1.06 44.77 -16.04
CA SER A 776 -0.83 45.44 -14.77
C SER A 776 -0.92 44.46 -13.57
N GLY A 786 13.67 35.17 0.35
CA GLY A 786 12.63 35.19 1.36
C GLY A 786 11.30 34.65 0.87
N GLU A 787 10.49 35.54 0.30
CA GLU A 787 9.11 35.22 -0.14
C GLU A 787 9.04 34.02 -1.09
N GLU A 788 7.95 33.27 -0.97
CA GLU A 788 7.82 31.98 -1.64
C GLU A 788 6.80 31.99 -2.77
N VAL A 789 7.26 31.78 -4.00
CA VAL A 789 6.37 31.66 -5.15
C VAL A 789 6.43 30.22 -5.72
N GLU A 790 5.37 29.81 -6.41
CA GLU A 790 5.31 28.56 -7.11
C GLU A 790 5.62 28.88 -8.55
N VAL A 791 6.34 27.97 -9.19
CA VAL A 791 6.56 28.07 -10.61
C VAL A 791 6.03 26.82 -11.27
N HIS A 792 5.22 26.99 -12.28
CA HIS A 792 4.48 25.87 -12.82
C HIS A 792 4.96 25.41 -14.19
N ASN A 793 4.95 24.11 -14.45
CA ASN A 793 5.47 23.63 -15.72
C ASN A 793 4.64 22.53 -16.29
N LEU A 794 4.67 22.41 -17.60
CA LEU A 794 4.18 21.22 -18.27
C LEU A 794 5.42 20.38 -18.66
N LEU A 795 5.51 19.14 -18.16
CA LEU A 795 6.63 18.26 -18.41
C LEU A 795 6.29 17.32 -19.52
N ILE A 796 7.27 16.90 -20.30
CA ILE A 796 6.99 15.85 -21.26
C ILE A 796 7.86 14.64 -21.00
N ILE A 797 7.23 13.56 -20.56
CA ILE A 797 7.93 12.42 -19.99
C ILE A 797 7.90 11.26 -20.97
N ASP A 798 9.07 10.72 -21.25
CA ASP A 798 9.14 9.54 -22.09
C ASP A 798 8.45 8.33 -21.42
N GLN A 799 7.53 7.70 -22.12
CA GLN A 799 6.89 6.58 -21.49
C GLN A 799 7.85 5.44 -21.21
N HIS A 800 8.92 5.31 -21.97
CA HIS A 800 9.85 4.20 -21.77
C HIS A 800 10.95 4.45 -20.74
N THR A 801 11.65 5.57 -20.85
CA THR A 801 12.75 5.85 -19.95
C THR A 801 12.34 6.67 -18.73
N PHE A 802 11.13 7.22 -18.77
CA PHE A 802 10.67 8.21 -17.80
C PHE A 802 11.56 9.44 -17.58
N GLU A 803 12.16 9.94 -18.68
CA GLU A 803 12.96 11.18 -18.73
C GLU A 803 12.08 12.39 -19.03
N VAL A 804 12.32 13.50 -18.33
CA VAL A 804 11.71 14.77 -18.74
C VAL A 804 12.27 15.15 -20.12
N LEU A 805 11.56 14.82 -21.19
CA LEU A 805 12.07 15.21 -22.48
C LEU A 805 12.08 16.72 -22.53
N HIS A 806 10.91 17.34 -22.42
CA HIS A 806 10.77 18.80 -22.49
C HIS A 806 10.06 19.39 -21.24
N ALA A 807 10.34 20.66 -20.95
CA ALA A 807 9.62 21.41 -19.94
C ALA A 807 9.23 22.79 -20.44
N HIS A 808 7.94 23.12 -20.34
CA HIS A 808 7.46 24.47 -20.60
C HIS A 808 7.17 25.16 -19.31
N GLN A 809 7.75 26.33 -19.07
CA GLN A 809 7.46 27.08 -17.87
C GLN A 809 6.41 28.15 -18.12
N PHE A 810 5.48 28.31 -17.19
CA PHE A 810 4.40 29.24 -17.36
C PHE A 810 4.72 30.63 -16.87
N LEU A 811 3.75 31.54 -17.01
CA LEU A 811 3.99 32.97 -16.74
C LEU A 811 4.21 33.20 -15.25
N GLN A 812 4.77 34.34 -14.86
CA GLN A 812 4.89 34.58 -13.45
C GLN A 812 3.52 34.61 -12.74
N ASN A 813 3.24 33.61 -11.91
CA ASN A 813 1.98 33.44 -11.15
C ASN A 813 0.85 32.80 -11.94
N GLU A 814 1.20 32.28 -13.09
CA GLU A 814 0.28 31.37 -13.75
C GLU A 814 0.33 29.96 -13.08
N TYR A 815 -0.80 29.53 -12.53
CA TYR A 815 -0.90 28.17 -12.04
C TYR A 815 -1.64 27.38 -13.10
N ALA A 816 -1.05 26.25 -13.48
CA ALA A 816 -1.66 25.35 -14.44
C ALA A 816 -2.51 24.29 -13.73
N LEU A 817 -3.81 24.33 -13.93
CA LEU A 817 -4.72 23.66 -13.03
C LEU A 817 -5.38 22.45 -13.71
N SER A 818 -5.47 22.47 -15.04
CA SER A 818 -6.08 21.34 -15.74
C SER A 818 -5.31 20.91 -16.99
N LEU A 819 -5.42 19.64 -17.37
CA LEU A 819 -4.65 19.14 -18.50
C LEU A 819 -5.36 18.06 -19.34
N VAL A 820 -5.43 18.22 -20.66
CA VAL A 820 -5.93 17.12 -21.48
C VAL A 820 -5.10 16.83 -22.72
N SER A 821 -5.42 15.69 -23.32
CA SER A 821 -4.75 15.22 -24.49
C SER A 821 -5.77 14.70 -25.51
N CYS A 822 -6.18 15.55 -26.43
CA CYS A 822 -7.25 15.18 -27.32
C CYS A 822 -6.96 15.66 -28.74
N LYS A 823 -7.83 15.26 -29.69
CA LYS A 823 -7.88 15.83 -31.04
C LYS A 823 -9.08 16.70 -31.02
N LEU A 824 -9.03 17.85 -31.65
CA LEU A 824 -10.24 18.67 -31.68
C LEU A 824 -10.81 18.85 -33.10
N GLY A 825 -12.13 18.93 -33.19
CA GLY A 825 -12.86 19.17 -34.45
C GLY A 825 -12.40 18.32 -35.62
N LYS A 826 -12.47 18.90 -36.83
CA LYS A 826 -11.96 18.25 -38.04
C LYS A 826 -10.43 18.00 -38.05
N ASP A 827 -9.70 18.88 -37.38
CA ASP A 827 -8.24 18.82 -37.15
C ASP A 827 -7.68 17.42 -36.72
N PRO A 828 -6.76 16.82 -37.53
CA PRO A 828 -6.30 15.45 -37.25
C PRO A 828 -5.05 15.37 -36.38
N ASN A 829 -4.62 16.51 -35.85
CA ASN A 829 -3.53 16.55 -34.89
C ASN A 829 -4.04 16.20 -33.50
N THR A 830 -3.18 15.64 -32.64
CA THR A 830 -3.49 15.48 -31.21
C THR A 830 -2.79 16.56 -30.39
N TYR A 831 -3.56 17.29 -29.59
CA TYR A 831 -2.97 18.35 -28.78
C TYR A 831 -2.89 18.00 -27.27
N PHE A 832 -2.04 18.76 -26.57
CA PHE A 832 -2.03 18.86 -25.11
C PHE A 832 -2.64 20.18 -24.71
N ILE A 833 -3.74 20.17 -23.96
CA ILE A 833 -4.35 21.45 -23.56
C ILE A 833 -4.31 21.71 -22.05
N VAL A 834 -3.79 22.87 -21.68
CA VAL A 834 -3.63 23.22 -20.30
C VAL A 834 -4.49 24.40 -19.91
N GLY A 835 -5.45 24.19 -19.02
CA GLY A 835 -6.23 25.31 -18.45
C GLY A 835 -5.50 25.91 -17.27
N THR A 836 -5.46 27.24 -17.19
CA THR A 836 -4.60 27.92 -16.17
C THR A 836 -5.31 28.95 -15.30
N ALA A 837 -4.56 29.74 -14.56
CA ALA A 837 -5.18 30.74 -13.69
C ALA A 837 -4.14 31.73 -13.18
N MET A 838 -4.48 33.00 -13.12
CA MET A 838 -3.49 33.90 -12.52
C MET A 838 -3.76 33.97 -11.02
N VAL A 839 -2.74 34.02 -10.20
CA VAL A 839 -3.00 33.82 -8.78
C VAL A 839 -2.28 34.80 -7.89
N TYR A 840 -3.02 35.40 -6.95
CA TYR A 840 -2.37 36.25 -5.96
C TYR A 840 -2.96 36.09 -4.58
N PRO A 841 -2.10 36.22 -3.56
CA PRO A 841 -2.51 36.17 -2.16
C PRO A 841 -3.67 37.12 -1.87
N GLU A 842 -3.54 38.39 -2.23
CA GLU A 842 -4.58 39.40 -2.01
C GLU A 842 -5.96 38.97 -2.48
N GLU A 843 -6.02 38.52 -3.74
CA GLU A 843 -7.29 38.17 -4.34
C GLU A 843 -7.96 36.97 -3.66
N ALA A 844 -9.29 37.00 -3.60
CA ALA A 844 -10.08 35.89 -3.05
C ALA A 844 -9.97 34.74 -4.02
N GLU A 845 -10.29 35.07 -5.26
CA GLU A 845 -10.51 34.13 -6.32
C GLU A 845 -9.76 34.75 -7.52
N PRO A 846 -9.25 33.90 -8.44
CA PRO A 846 -8.70 34.53 -9.64
C PRO A 846 -9.85 34.96 -10.53
N LYS A 847 -9.59 35.93 -11.41
CA LYS A 847 -10.60 36.51 -12.29
C LYS A 847 -10.09 36.59 -13.72
N GLN A 848 -8.93 35.96 -13.95
CA GLN A 848 -8.37 35.75 -15.28
C GLN A 848 -7.48 34.51 -15.36
N GLY A 849 -7.30 34.02 -16.58
CA GLY A 849 -6.54 32.80 -16.81
C GLY A 849 -6.63 32.51 -18.27
N ARG A 850 -5.93 31.48 -18.74
CA ARG A 850 -6.02 31.13 -20.15
C ARG A 850 -6.12 29.64 -20.45
N ILE A 851 -6.54 29.35 -21.66
CA ILE A 851 -6.42 28.01 -22.18
C ILE A 851 -5.41 28.06 -23.32
N VAL A 852 -4.41 27.18 -23.25
CA VAL A 852 -3.32 27.10 -24.23
C VAL A 852 -3.34 25.75 -24.94
N VAL A 853 -3.28 25.77 -26.26
CA VAL A 853 -3.29 24.52 -26.96
C VAL A 853 -1.91 24.30 -27.50
N PHE A 854 -1.43 23.06 -27.38
CA PHE A 854 -0.04 22.71 -27.44
C PHE A 854 0.14 21.49 -28.32
N GLN A 855 1.26 21.44 -29.03
CA GLN A 855 1.62 20.22 -29.73
C GLN A 855 3.06 19.85 -29.51
N TYR A 856 3.23 18.58 -29.15
CA TYR A 856 4.51 17.92 -29.13
C TYR A 856 4.74 17.12 -30.45
N SER A 857 5.88 17.41 -31.08
CA SER A 857 6.15 16.99 -32.44
C SER A 857 7.21 15.88 -32.47
N ASP A 858 8.35 16.16 -33.12
CA ASP A 858 9.50 15.27 -33.05
C ASP A 858 10.09 15.40 -31.65
N GLY A 859 10.55 16.61 -31.33
CA GLY A 859 11.15 16.93 -30.04
C GLY A 859 10.74 18.32 -29.61
N LYS A 860 9.77 18.87 -30.33
CA LYS A 860 9.34 20.26 -30.17
C LYS A 860 7.99 20.38 -29.43
N LEU A 861 7.80 21.52 -28.77
CA LEU A 861 6.57 21.85 -28.04
C LEU A 861 6.03 23.21 -28.51
N GLN A 862 5.16 23.21 -29.49
CA GLN A 862 4.65 24.46 -30.07
C GLN A 862 3.34 25.00 -29.39
N THR A 863 3.43 26.21 -28.81
CA THR A 863 2.23 26.94 -28.40
C THR A 863 1.35 27.14 -29.63
N VAL A 864 0.40 26.22 -29.86
CA VAL A 864 -0.48 26.23 -31.06
C VAL A 864 -1.50 27.35 -31.01
N ALA A 865 -2.00 27.70 -29.83
CA ALA A 865 -3.15 28.61 -29.77
C ALA A 865 -3.35 29.09 -28.34
N GLU A 866 -3.68 30.35 -28.14
CA GLU A 866 -4.14 30.75 -26.80
C GLU A 866 -5.59 31.20 -26.79
N LYS A 867 -6.10 31.49 -25.59
CA LYS A 867 -7.46 31.96 -25.39
C LYS A 867 -7.55 32.50 -24.00
N GLU A 868 -7.90 33.76 -23.84
CA GLU A 868 -7.99 34.36 -22.53
C GLU A 868 -9.32 33.97 -21.93
N VAL A 869 -9.37 33.94 -20.61
CA VAL A 869 -10.63 33.76 -19.87
C VAL A 869 -10.63 34.65 -18.66
N LYS A 870 -11.81 34.75 -18.05
CA LYS A 870 -12.01 35.69 -16.95
C LYS A 870 -12.11 35.01 -15.59
N GLY A 871 -11.39 33.91 -15.45
CA GLY A 871 -11.28 33.16 -14.19
C GLY A 871 -10.42 31.91 -14.32
N ALA A 872 -10.39 31.12 -13.24
CA ALA A 872 -9.66 29.82 -13.13
C ALA A 872 -10.26 28.71 -13.96
N VAL A 873 -9.45 28.10 -14.81
CA VAL A 873 -9.93 26.93 -15.50
C VAL A 873 -9.66 25.73 -14.61
N TYR A 874 -10.64 25.38 -13.79
CA TYR A 874 -10.47 24.29 -12.83
C TYR A 874 -10.43 22.96 -13.47
N SER A 875 -11.30 22.73 -14.43
CA SER A 875 -11.17 21.48 -15.12
C SER A 875 -11.58 21.53 -16.59
N MET A 876 -11.18 20.50 -17.35
CA MET A 876 -11.63 20.38 -18.74
C MET A 876 -11.68 18.96 -19.31
N VAL A 877 -12.84 18.53 -19.77
CA VAL A 877 -12.86 17.28 -20.47
C VAL A 877 -12.93 17.64 -21.94
N GLU A 878 -12.69 16.65 -22.80
CA GLU A 878 -12.92 16.77 -24.21
C GLU A 878 -14.30 16.19 -24.37
N PHE A 879 -15.15 16.86 -25.14
CA PHE A 879 -16.53 16.43 -25.25
C PHE A 879 -16.74 15.60 -26.51
N ASN A 880 -17.13 16.25 -27.61
CA ASN A 880 -17.38 15.52 -28.86
C ASN A 880 -16.68 16.23 -29.98
N GLY A 881 -15.36 16.12 -30.00
CA GLY A 881 -14.56 16.96 -30.87
C GLY A 881 -14.55 18.41 -30.41
N LYS A 882 -15.32 18.72 -29.37
CA LYS A 882 -15.28 20.06 -28.80
C LYS A 882 -14.59 20.02 -27.45
N LEU A 883 -14.23 21.19 -26.95
CA LEU A 883 -13.60 21.30 -25.65
C LEU A 883 -14.47 22.03 -24.65
N LEU A 884 -14.71 21.32 -23.55
CA LEU A 884 -15.61 21.75 -22.51
C LEU A 884 -14.80 21.99 -21.26
N ALA A 885 -15.08 23.12 -20.62
CA ALA A 885 -14.18 23.64 -19.62
C ALA A 885 -14.82 24.43 -18.48
N SER A 886 -14.52 24.08 -17.23
CA SER A 886 -15.06 24.82 -16.11
C SER A 886 -14.22 26.09 -15.93
N ILE A 887 -14.89 27.23 -15.86
CA ILE A 887 -14.21 28.51 -15.69
C ILE A 887 -14.92 29.40 -14.67
N ASN A 888 -14.51 29.28 -13.41
CA ASN A 888 -15.09 30.08 -12.33
C ASN A 888 -16.60 30.22 -12.42
N SER A 889 -17.30 29.22 -11.89
CA SER A 889 -18.76 29.21 -11.88
C SER A 889 -19.33 29.63 -13.23
N THR A 890 -18.88 28.98 -14.30
CA THR A 890 -19.35 29.29 -15.65
C THR A 890 -18.84 28.27 -16.65
N VAL A 891 -19.67 27.26 -16.92
CA VAL A 891 -19.31 26.21 -17.86
C VAL A 891 -19.39 26.69 -19.31
N ARG A 892 -18.36 26.40 -20.08
CA ARG A 892 -18.30 26.80 -21.48
C ARG A 892 -18.00 25.62 -22.38
N LEU A 893 -18.50 25.66 -23.61
CA LEU A 893 -18.27 24.58 -24.57
C LEU A 893 -17.68 25.03 -25.86
N TYR A 894 -16.35 25.01 -25.96
CA TYR A 894 -15.66 25.58 -27.10
C TYR A 894 -15.57 24.68 -28.31
N GLU A 895 -15.29 25.35 -29.42
CA GLU A 895 -15.18 24.72 -30.72
C GLU A 895 -13.91 25.14 -31.40
N TRP A 896 -13.36 24.18 -32.13
CA TRP A 896 -12.13 24.38 -32.81
C TRP A 896 -12.42 24.82 -34.26
N THR A 897 -12.09 26.07 -34.58
CA THR A 897 -12.25 26.52 -35.95
C THR A 897 -11.38 25.68 -36.89
N THR A 898 -11.67 25.83 -38.17
CA THR A 898 -10.83 25.33 -39.22
C THR A 898 -9.61 26.24 -39.30
N GLU A 899 -9.83 27.50 -38.94
CA GLU A 899 -8.77 28.51 -38.81
C GLU A 899 -7.86 28.25 -37.60
N LYS A 900 -8.12 27.16 -36.86
CA LYS A 900 -7.40 26.73 -35.63
C LYS A 900 -7.49 27.72 -34.46
N ASP A 901 -8.70 27.90 -33.92
CA ASP A 901 -8.88 28.76 -32.75
C ASP A 901 -10.02 28.30 -31.83
N VAL A 902 -9.93 28.53 -30.52
CA VAL A 902 -11.06 28.13 -29.65
C VAL A 902 -12.19 29.19 -29.55
N ARG A 903 -13.34 28.92 -30.17
CA ARG A 903 -14.48 29.84 -30.10
C ARG A 903 -15.73 29.29 -29.40
N THR A 904 -16.29 30.13 -28.52
CA THR A 904 -17.42 29.79 -27.64
C THR A 904 -18.64 29.24 -28.40
N GLU A 905 -19.47 28.44 -27.76
CA GLU A 905 -20.74 28.06 -28.36
C GLU A 905 -21.88 28.38 -27.39
N CYS A 906 -21.64 28.08 -26.12
CA CYS A 906 -22.64 28.26 -25.06
C CYS A 906 -22.02 28.12 -23.68
N ASN A 907 -22.85 28.49 -22.69
CA ASN A 907 -22.55 28.44 -21.26
C ASN A 907 -23.68 27.97 -20.34
N HIS A 908 -23.32 27.62 -19.11
CA HIS A 908 -24.23 27.37 -18.00
C HIS A 908 -23.63 28.13 -16.84
N TYR A 909 -24.43 28.94 -16.13
CA TYR A 909 -23.90 29.80 -15.05
C TYR A 909 -24.37 29.39 -13.67
N ASN A 910 -25.16 28.32 -13.61
CA ASN A 910 -25.79 27.88 -12.36
C ASN A 910 -24.86 27.08 -11.39
N ASN A 911 -23.68 27.64 -11.12
CA ASN A 911 -22.68 26.98 -10.28
C ASN A 911 -22.07 27.97 -9.34
N ILE A 912 -21.81 27.52 -8.12
CA ILE A 912 -21.11 28.32 -7.15
C ILE A 912 -19.65 28.42 -7.54
N MET A 913 -19.10 27.28 -8.02
CA MET A 913 -17.71 27.11 -8.46
C MET A 913 -17.48 25.69 -8.97
N ALA A 914 -17.43 25.55 -10.29
CA ALA A 914 -17.41 24.23 -10.96
C ALA A 914 -16.03 23.56 -10.90
N LEU A 915 -15.91 22.42 -10.22
CA LEU A 915 -14.58 21.92 -9.91
C LEU A 915 -14.18 20.73 -10.71
N TYR A 916 -15.17 19.95 -11.09
CA TYR A 916 -14.93 18.68 -11.67
C TYR A 916 -15.91 18.52 -12.80
N LEU A 917 -15.58 17.77 -13.85
CA LEU A 917 -16.56 17.41 -14.85
C LEU A 917 -16.25 16.02 -15.38
N LYS A 918 -17.25 15.38 -15.97
CA LYS A 918 -17.05 14.10 -16.57
C LYS A 918 -18.15 14.01 -17.61
N THR A 919 -18.03 13.10 -18.56
CA THR A 919 -18.85 13.15 -19.76
C THR A 919 -19.31 11.76 -20.11
N LYS A 920 -20.61 11.58 -20.33
CA LYS A 920 -21.07 10.23 -20.64
C LYS A 920 -21.29 10.21 -22.12
N GLY A 921 -20.47 9.38 -22.77
CA GLY A 921 -20.45 9.14 -24.23
C GLY A 921 -21.37 10.02 -25.02
N ASP A 922 -22.58 10.21 -24.98
CA ASP A 922 -23.56 11.00 -25.34
C ASP A 922 -23.26 12.43 -24.88
N PHE A 923 -24.37 13.19 -24.57
CA PHE A 923 -24.23 14.61 -24.44
C PHE A 923 -24.38 15.05 -22.99
N ILE A 924 -24.03 14.16 -22.06
CA ILE A 924 -24.27 14.37 -20.62
C ILE A 924 -23.02 14.90 -19.83
N LEU A 925 -23.21 15.75 -18.83
CA LEU A 925 -22.10 16.26 -17.97
C LEU A 925 -22.48 16.22 -16.48
N VAL A 926 -21.63 16.70 -15.55
CA VAL A 926 -21.84 16.58 -14.07
C VAL A 926 -20.81 17.40 -13.31
N GLY A 927 -21.14 18.18 -12.24
CA GLY A 927 -20.12 18.68 -11.22
C GLY A 927 -20.38 19.88 -10.24
N ASP A 928 -19.61 20.01 -9.10
CA ASP A 928 -19.56 21.26 -8.15
C ASP A 928 -18.87 21.22 -6.76
N LEU A 929 -18.40 22.37 -6.27
CA LEU A 929 -17.63 22.52 -5.01
C LEU A 929 -18.37 22.28 -3.70
N MET A 930 -19.41 23.05 -3.43
CA MET A 930 -20.12 22.84 -2.20
C MET A 930 -21.59 22.49 -2.32
N ARG A 931 -21.97 21.79 -3.40
CA ARG A 931 -23.34 21.37 -3.65
C ARG A 931 -23.70 19.86 -3.82
N SER A 932 -23.06 19.20 -4.75
CA SER A 932 -23.14 17.74 -4.80
C SER A 932 -22.82 17.31 -6.19
N VAL A 933 -23.86 17.28 -7.01
CA VAL A 933 -23.65 17.16 -8.39
C VAL A 933 -24.81 17.69 -9.21
N LEU A 934 -24.50 18.06 -10.42
CA LEU A 934 -25.48 18.42 -11.40
C LEU A 934 -25.22 17.53 -12.56
N LEU A 935 -26.29 17.23 -13.24
CA LEU A 935 -26.20 16.69 -14.59
C LEU A 935 -26.75 17.63 -15.65
N LEU A 936 -26.13 17.60 -16.82
CA LEU A 936 -26.54 18.42 -17.95
C LEU A 936 -26.54 17.61 -19.22
N ALA A 937 -27.26 18.10 -20.22
CA ALA A 937 -27.04 17.62 -21.58
C ALA A 937 -26.74 18.74 -22.56
N TYR A 938 -26.09 18.36 -23.65
CA TYR A 938 -25.91 19.22 -24.77
C TYR A 938 -27.06 18.97 -25.70
N LYS A 939 -27.59 20.04 -26.28
CA LYS A 939 -28.68 19.95 -27.22
C LYS A 939 -28.27 20.42 -28.64
N PRO A 940 -27.99 19.46 -29.55
CA PRO A 940 -27.75 19.74 -30.97
C PRO A 940 -28.96 20.48 -31.58
N MET A 941 -29.66 21.19 -30.73
CA MET A 941 -30.67 22.12 -31.14
C MET A 941 -29.85 23.39 -31.28
N GLU A 942 -30.12 24.38 -30.45
CA GLU A 942 -29.42 25.66 -30.56
C GLU A 942 -28.00 25.58 -30.00
N GLY A 943 -27.42 24.37 -30.01
CA GLY A 943 -26.10 24.19 -29.45
C GLY A 943 -26.10 24.85 -28.10
N ASN A 944 -27.03 24.42 -27.27
CA ASN A 944 -27.13 24.87 -25.89
C ASN A 944 -27.05 23.72 -24.85
N PHE A 945 -26.80 24.08 -23.59
CA PHE A 945 -27.03 23.18 -22.46
C PHE A 945 -28.41 23.39 -21.89
N GLU A 946 -29.06 22.26 -21.63
CA GLU A 946 -30.27 22.20 -20.85
C GLU A 946 -29.89 21.49 -19.56
N GLU A 947 -30.18 22.11 -18.43
CA GLU A 947 -29.80 21.58 -17.11
C GLU A 947 -30.74 20.49 -16.63
N ILE A 948 -30.43 19.24 -16.92
CA ILE A 948 -31.36 18.14 -16.62
C ILE A 948 -31.77 17.91 -15.16
N ALA A 949 -30.84 17.97 -14.21
CA ALA A 949 -31.19 17.72 -12.79
C ALA A 949 -30.06 18.04 -11.81
N ARG A 950 -30.40 18.23 -10.53
CA ARG A 950 -29.36 18.24 -9.51
C ARG A 950 -29.60 17.49 -8.19
N ASP A 951 -28.68 17.67 -7.27
CA ASP A 951 -28.76 17.06 -5.98
C ASP A 951 -28.67 18.18 -5.00
N PHE A 952 -29.60 18.20 -4.08
CA PHE A 952 -29.79 19.37 -3.24
C PHE A 952 -29.28 19.08 -1.82
N ASN A 953 -28.14 18.38 -1.72
CA ASN A 953 -27.52 18.21 -0.43
C ASN A 953 -26.23 19.03 -0.43
N PRO A 954 -25.69 19.32 0.77
CA PRO A 954 -24.57 20.25 0.81
C PRO A 954 -23.23 19.53 0.81
N ASN A 955 -23.03 18.70 -0.22
CA ASN A 955 -21.77 17.98 -0.38
C ASN A 955 -20.59 18.83 -0.89
N TRP A 956 -19.63 19.13 -0.01
CA TRP A 956 -18.31 19.68 -0.42
C TRP A 956 -17.53 18.61 -1.16
N MET A 957 -17.73 18.53 -2.48
CA MET A 957 -17.14 17.52 -3.31
C MET A 957 -15.62 17.61 -3.38
N SER A 958 -15.03 16.50 -3.81
CA SER A 958 -13.60 16.37 -3.98
C SER A 958 -13.29 15.48 -5.19
N ALA A 959 -14.23 14.62 -5.54
CA ALA A 959 -14.10 13.92 -6.80
C ALA A 959 -15.45 13.42 -7.24
N VAL A 960 -15.56 13.03 -8.51
CA VAL A 960 -16.86 12.81 -9.16
C VAL A 960 -16.65 11.83 -10.29
N GLU A 961 -17.60 10.93 -10.52
CA GLU A 961 -17.47 10.06 -11.67
C GLU A 961 -18.81 9.54 -12.14
N ILE A 962 -18.91 9.27 -13.43
CA ILE A 962 -20.09 8.65 -13.97
C ILE A 962 -19.84 7.15 -13.99
N LEU A 963 -20.58 6.41 -13.16
CA LEU A 963 -20.55 4.98 -13.28
C LEU A 963 -21.31 4.56 -14.52
N ASP A 964 -22.42 5.23 -14.80
CA ASP A 964 -23.11 5.05 -16.07
C ASP A 964 -24.30 6.00 -16.24
N ASP A 965 -25.00 5.84 -17.36
CA ASP A 965 -26.07 6.75 -17.80
C ASP A 965 -26.90 7.34 -16.65
N ASP A 966 -27.06 6.57 -15.58
CA ASP A 966 -27.92 7.02 -14.50
C ASP A 966 -27.21 7.07 -13.15
N ASN A 967 -26.14 6.30 -13.01
CA ASN A 967 -25.40 6.25 -11.76
C ASN A 967 -24.19 7.14 -11.68
N PHE A 968 -24.28 8.10 -10.80
CA PHE A 968 -23.21 9.06 -10.57
C PHE A 968 -22.56 8.90 -9.18
N LEU A 969 -21.25 8.61 -9.17
CA LEU A 969 -20.45 8.49 -7.94
C LEU A 969 -19.80 9.79 -7.49
N GLY A 970 -19.68 9.99 -6.20
CA GLY A 970 -19.16 11.23 -5.70
C GLY A 970 -18.47 11.00 -4.39
N ALA A 971 -17.33 11.65 -4.21
CA ALA A 971 -16.55 11.65 -2.97
C ALA A 971 -16.58 13.03 -2.34
N GLU A 972 -16.40 13.16 -1.02
CA GLU A 972 -16.45 14.49 -0.46
C GLU A 972 -15.66 14.79 0.83
N ASN A 973 -15.26 16.05 0.97
CA ASN A 973 -14.77 16.62 2.21
C ASN A 973 -14.69 15.70 3.40
N ALA A 974 -15.73 14.93 3.69
CA ALA A 974 -15.77 14.14 4.95
C ALA A 974 -15.51 12.64 4.83
N PHE A 975 -14.88 12.25 3.75
CA PHE A 975 -14.45 10.89 3.60
C PHE A 975 -15.57 9.92 3.35
N ASN A 976 -16.65 10.39 2.71
CA ASN A 976 -17.81 9.58 2.44
C ASN A 976 -17.97 9.43 0.94
N LEU A 977 -18.45 8.29 0.48
CA LEU A 977 -18.89 8.14 -0.89
C LEU A 977 -20.42 8.17 -0.95
N PHE A 978 -20.97 8.55 -2.12
CA PHE A 978 -22.40 8.56 -2.30
C PHE A 978 -22.77 8.40 -3.78
N VAL A 979 -23.92 7.83 -4.05
CA VAL A 979 -24.32 7.63 -5.41
C VAL A 979 -25.66 8.26 -5.70
N CYS A 980 -25.76 8.81 -6.91
CA CYS A 980 -26.95 9.51 -7.37
C CYS A 980 -27.46 8.94 -8.66
N GLN A 981 -28.79 8.86 -8.75
CA GLN A 981 -29.46 8.59 -10.00
C GLN A 981 -30.70 9.45 -10.11
N LYS A 982 -31.13 9.75 -11.34
CA LYS A 982 -32.29 10.60 -11.56
C LYS A 982 -33.58 9.82 -11.31
N ASP A 983 -34.46 10.42 -10.53
CA ASP A 983 -35.73 9.79 -10.22
C ASP A 983 -36.43 9.35 -11.49
N SER A 984 -36.88 8.09 -11.50
CA SER A 984 -37.79 7.62 -12.54
C SER A 984 -39.23 7.62 -12.01
N ALA A 985 -39.87 8.80 -12.05
CA ALA A 985 -41.21 9.01 -11.49
C ALA A 985 -42.10 10.04 -12.25
N ALA A 986 -43.41 9.92 -12.02
CA ALA A 986 -44.44 10.82 -12.57
C ALA A 986 -44.22 12.29 -12.20
N THR A 987 -45.03 13.17 -12.78
CA THR A 987 -45.01 14.64 -12.49
C THR A 987 -43.67 15.29 -12.90
N THR A 988 -43.17 14.82 -14.04
CA THR A 988 -41.77 14.98 -14.44
C THR A 988 -41.26 16.42 -14.67
N ASP A 989 -41.41 17.26 -13.64
CA ASP A 989 -40.80 18.60 -13.66
C ASP A 989 -40.09 18.92 -12.35
N GLU A 990 -40.71 18.59 -11.22
CA GLU A 990 -40.07 18.75 -9.92
C GLU A 990 -39.30 17.48 -9.54
N GLU A 991 -40.01 16.35 -9.47
CA GLU A 991 -39.41 15.02 -9.22
C GLU A 991 -38.32 14.67 -10.24
N ARG A 992 -38.36 15.29 -11.40
CA ARG A 992 -37.36 15.05 -12.44
C ARG A 992 -36.16 15.97 -12.26
N GLN A 993 -36.41 17.16 -11.72
CA GLN A 993 -35.35 18.14 -11.56
C GLN A 993 -34.58 17.88 -10.27
N HIS A 994 -34.79 16.71 -9.69
CA HIS A 994 -34.05 16.25 -8.50
C HIS A 994 -33.50 14.84 -8.80
N LEU A 995 -32.44 14.43 -8.13
CA LEU A 995 -31.89 13.06 -8.27
C LEU A 995 -31.54 12.60 -6.89
N GLN A 996 -31.85 11.37 -6.55
CA GLN A 996 -31.84 11.03 -5.14
C GLN A 996 -30.56 10.36 -4.75
N GLU A 997 -30.13 10.61 -3.50
CA GLU A 997 -28.94 9.98 -2.92
C GLU A 997 -29.15 8.51 -2.59
N VAL A 998 -29.10 7.68 -3.62
CA VAL A 998 -29.45 6.26 -3.57
C VAL A 998 -28.37 5.38 -2.95
N GLY A 999 -27.12 5.84 -2.92
CA GLY A 999 -26.01 5.08 -2.29
C GLY A 999 -25.23 5.89 -1.24
N LEU A 1000 -25.02 5.34 -0.04
CA LEU A 1000 -24.23 6.05 0.96
C LEU A 1000 -23.21 5.15 1.58
N PHE A 1001 -22.06 5.71 1.99
CA PHE A 1001 -20.92 4.94 2.55
C PHE A 1001 -19.80 5.79 3.14
N HIS A 1002 -19.29 5.35 4.27
CA HIS A 1002 -18.13 6.02 4.83
C HIS A 1002 -16.84 5.23 4.53
N LEU A 1003 -16.04 5.78 3.62
CA LEU A 1003 -14.75 5.21 3.21
C LEU A 1003 -13.67 5.27 4.29
N GLY A 1004 -13.41 6.46 4.82
CA GLY A 1004 -12.42 6.64 5.85
C GLY A 1004 -11.17 7.26 5.26
N GLU A 1005 -11.26 7.55 3.98
CA GLU A 1005 -10.17 8.12 3.25
C GLU A 1005 -10.70 9.29 2.42
N PHE A 1006 -9.81 10.10 1.83
CA PHE A 1006 -10.21 11.29 1.12
C PHE A 1006 -9.87 11.14 -0.38
N VAL A 1007 -10.84 11.20 -1.26
CA VAL A 1007 -10.54 10.78 -2.63
C VAL A 1007 -10.15 11.96 -3.57
N ASN A 1008 -8.90 12.03 -4.04
CA ASN A 1008 -8.52 13.04 -5.02
C ASN A 1008 -9.00 12.69 -6.43
N VAL A 1009 -9.09 11.42 -6.79
CA VAL A 1009 -9.30 11.14 -8.21
C VAL A 1009 -10.03 9.86 -8.51
N PHE A 1010 -11.03 9.91 -9.35
CA PHE A 1010 -11.61 8.67 -9.78
C PHE A 1010 -11.05 8.39 -11.16
N CYS A 1011 -11.15 7.16 -11.63
CA CYS A 1011 -11.08 6.99 -13.06
C CYS A 1011 -11.26 5.56 -13.46
N HIS A 1012 -11.67 5.41 -14.71
CA HIS A 1012 -11.93 4.11 -15.29
C HIS A 1012 -10.67 3.40 -15.65
N GLY A 1013 -10.64 2.10 -15.36
CA GLY A 1013 -9.50 1.23 -15.68
C GLY A 1013 -9.42 0.10 -14.68
N SER A 1014 -8.42 -0.75 -14.82
CA SER A 1014 -8.27 -1.97 -14.01
C SER A 1014 -6.81 -2.33 -14.06
N LEU A 1015 -6.35 -3.10 -13.10
CA LEU A 1015 -4.99 -3.50 -13.04
C LEU A 1015 -4.79 -4.97 -13.40
N VAL A 1016 -5.85 -5.64 -13.82
CA VAL A 1016 -5.82 -7.09 -13.95
C VAL A 1016 -6.03 -7.57 -15.37
N MET A 1017 -6.02 -8.90 -15.52
CA MET A 1017 -6.52 -9.59 -16.72
C MET A 1017 -5.64 -9.45 -17.96
N GLN A 1018 -6.04 -10.11 -19.04
CA GLN A 1018 -5.19 -10.43 -20.20
C GLN A 1018 -3.95 -9.54 -20.32
N PRO A 1026 -20.30 -11.53 -13.07
CA PRO A 1026 -20.23 -11.38 -11.60
C PRO A 1026 -20.37 -9.93 -11.17
N THR A 1027 -19.60 -9.06 -11.83
CA THR A 1027 -19.54 -7.65 -11.50
C THR A 1027 -19.43 -6.88 -12.81
N GLN A 1028 -19.48 -5.55 -12.73
CA GLN A 1028 -19.61 -4.71 -13.91
C GLN A 1028 -18.86 -3.38 -13.70
N GLY A 1029 -18.10 -2.96 -14.70
CA GLY A 1029 -17.32 -1.74 -14.61
C GLY A 1029 -16.14 -1.93 -13.68
N SER A 1030 -15.36 -0.88 -13.55
CA SER A 1030 -14.26 -0.82 -12.61
C SER A 1030 -13.76 0.62 -12.63
N VAL A 1031 -13.88 1.27 -11.48
CA VAL A 1031 -13.47 2.65 -11.30
C VAL A 1031 -12.44 2.65 -10.23
N LEU A 1032 -11.28 3.22 -10.47
CA LEU A 1032 -10.26 3.18 -9.42
C LEU A 1032 -10.16 4.52 -8.73
N PHE A 1033 -9.74 4.53 -7.48
CA PHE A 1033 -9.49 5.80 -6.87
C PHE A 1033 -8.24 5.85 -6.11
N GLY A 1034 -7.71 7.05 -6.01
CA GLY A 1034 -6.52 7.30 -5.21
C GLY A 1034 -6.82 8.38 -4.20
N THR A 1035 -6.19 8.27 -3.04
CA THR A 1035 -6.56 8.95 -1.83
C THR A 1035 -5.37 9.75 -1.32
N VAL A 1036 -5.58 10.69 -0.42
CA VAL A 1036 -4.48 11.41 0.14
C VAL A 1036 -3.47 10.46 0.82
N ASN A 1037 -3.89 9.26 1.19
CA ASN A 1037 -3.18 8.48 2.20
C ASN A 1037 -2.32 7.41 1.59
N GLY A 1038 -2.58 7.12 0.32
CA GLY A 1038 -1.79 6.12 -0.37
C GLY A 1038 -2.67 5.01 -0.82
N MET A 1039 -3.77 4.85 -0.08
CA MET A 1039 -4.76 3.82 -0.35
C MET A 1039 -5.19 3.92 -1.81
N ILE A 1040 -5.31 2.80 -2.49
CA ILE A 1040 -5.97 2.79 -3.79
C ILE A 1040 -7.17 1.90 -3.63
N GLY A 1041 -8.37 2.44 -3.78
CA GLY A 1041 -9.54 1.60 -3.77
C GLY A 1041 -9.97 1.25 -5.18
N LEU A 1042 -11.05 0.48 -5.27
CA LEU A 1042 -11.74 0.19 -6.53
C LEU A 1042 -13.28 0.10 -6.36
N VAL A 1043 -14.06 0.70 -7.23
CA VAL A 1043 -15.52 0.57 -7.13
C VAL A 1043 -16.13 -0.18 -8.31
N THR A 1044 -16.84 -1.27 -8.02
CA THR A 1044 -17.60 -2.02 -9.06
C THR A 1044 -19.09 -2.00 -8.82
N SER A 1045 -19.83 -2.58 -9.77
CA SER A 1045 -21.30 -2.69 -9.73
C SER A 1045 -21.80 -4.13 -9.59
N LEU A 1046 -23.02 -4.30 -9.08
CA LEU A 1046 -23.57 -5.62 -8.75
C LEU A 1046 -24.94 -5.83 -9.34
N SER A 1047 -25.31 -7.12 -9.50
CA SER A 1047 -26.69 -7.55 -9.61
C SER A 1047 -27.38 -7.44 -8.23
N GLU A 1048 -28.65 -7.05 -8.21
CA GLU A 1048 -29.47 -6.98 -6.99
C GLU A 1048 -29.34 -8.27 -6.18
N SER A 1049 -29.32 -9.39 -6.90
CA SER A 1049 -29.19 -10.69 -6.28
C SER A 1049 -27.86 -10.81 -5.53
N TRP A 1050 -26.78 -10.52 -6.24
CA TRP A 1050 -25.44 -10.52 -5.66
C TRP A 1050 -25.30 -9.53 -4.52
N TYR A 1051 -25.78 -8.32 -4.71
CA TYR A 1051 -25.87 -7.39 -3.61
C TYR A 1051 -26.43 -8.14 -2.44
N ASN A 1052 -27.71 -8.52 -2.54
CA ASN A 1052 -28.42 -9.16 -1.42
C ASN A 1052 -27.61 -10.25 -0.74
N LEU A 1053 -27.14 -11.23 -1.49
CA LEU A 1053 -26.34 -12.28 -0.90
C LEU A 1053 -25.27 -11.64 -0.02
N LEU A 1054 -24.61 -10.62 -0.56
CA LEU A 1054 -23.47 -10.04 0.11
C LEU A 1054 -23.82 -9.20 1.34
N LEU A 1055 -24.92 -8.43 1.26
CA LEU A 1055 -25.44 -7.67 2.41
C LEU A 1055 -25.80 -8.63 3.52
N ASP A 1056 -26.46 -9.72 3.15
CA ASP A 1056 -26.79 -10.72 4.12
C ASP A 1056 -25.46 -11.08 4.76
N MET A 1057 -24.63 -11.71 3.95
CA MET A 1057 -23.38 -12.26 4.43
C MET A 1057 -22.44 -11.27 5.15
N GLN A 1058 -22.63 -9.98 4.86
CA GLN A 1058 -22.01 -8.92 5.63
C GLN A 1058 -22.48 -8.92 7.05
N ASN A 1059 -23.80 -8.93 7.22
CA ASN A 1059 -24.43 -8.87 8.54
C ASN A 1059 -24.14 -10.09 9.39
N ARG A 1060 -24.12 -11.27 8.75
CA ARG A 1060 -23.79 -12.52 9.46
C ARG A 1060 -22.35 -12.46 9.91
N LEU A 1061 -21.47 -12.01 9.01
CA LEU A 1061 -20.02 -11.95 9.24
C LEU A 1061 -19.64 -11.08 10.40
N ASN A 1062 -20.49 -10.11 10.70
CA ASN A 1062 -20.17 -9.20 11.78
C ASN A 1062 -20.36 -9.83 13.13
N LYS A 1063 -21.39 -10.67 13.25
CA LYS A 1063 -21.58 -11.47 14.46
C LYS A 1063 -20.31 -12.31 14.80
N VAL A 1064 -19.83 -13.06 13.81
CA VAL A 1064 -18.66 -13.93 13.99
C VAL A 1064 -17.34 -13.21 14.33
N ILE A 1065 -17.04 -12.11 13.65
CA ILE A 1065 -15.76 -11.38 13.87
C ILE A 1065 -15.81 -10.38 15.02
N LYS A 1066 -14.79 -10.50 15.87
CA LYS A 1066 -14.54 -9.52 16.92
C LYS A 1066 -13.66 -8.42 16.32
N SER A 1067 -14.18 -7.21 16.39
CA SER A 1067 -13.46 -6.07 15.96
C SER A 1067 -12.52 -5.92 17.06
N VAL A 1068 -12.02 -4.71 17.26
CA VAL A 1068 -10.88 -4.54 18.09
C VAL A 1068 -10.95 -3.55 19.22
N GLY A 1069 -11.67 -2.46 18.99
CA GLY A 1069 -12.00 -1.55 20.07
C GLY A 1069 -13.34 -2.06 20.54
N LYS A 1070 -13.80 -3.07 19.80
CA LYS A 1070 -15.14 -3.63 19.93
C LYS A 1070 -16.02 -2.94 18.90
N ILE A 1071 -15.39 -2.10 18.08
CA ILE A 1071 -16.15 -1.17 17.23
C ILE A 1071 -17.17 -1.88 16.32
N GLU A 1072 -18.40 -1.39 16.32
CA GLU A 1072 -19.42 -1.87 15.40
C GLU A 1072 -19.04 -1.51 13.96
N HIS A 1073 -18.93 -2.52 13.12
CA HIS A 1073 -18.54 -2.34 11.74
C HIS A 1073 -19.44 -1.38 11.05
N SER A 1074 -20.73 -1.54 11.34
CA SER A 1074 -21.81 -0.72 10.77
C SER A 1074 -21.79 0.68 11.31
N PHE A 1075 -21.24 0.90 12.50
CA PHE A 1075 -21.09 2.25 12.98
C PHE A 1075 -19.97 2.98 12.21
N TRP A 1076 -18.95 2.20 11.89
CA TRP A 1076 -17.80 2.64 11.14
C TRP A 1076 -18.25 3.06 9.76
N ARG A 1077 -19.10 2.25 9.12
CA ARG A 1077 -19.38 2.46 7.69
C ARG A 1077 -20.42 3.51 7.36
N SER A 1078 -20.80 4.27 8.36
CA SER A 1078 -22.03 5.05 8.26
C SER A 1078 -21.75 6.42 7.76
N PHE A 1079 -22.52 6.82 6.76
CA PHE A 1079 -22.38 8.15 6.21
C PHE A 1079 -22.39 9.18 7.34
N HIS A 1080 -21.35 9.98 7.42
CA HIS A 1080 -21.30 10.87 8.54
C HIS A 1080 -20.69 12.24 8.25
N THR A 1081 -21.42 13.28 8.65
CA THR A 1081 -20.91 14.63 8.56
C THR A 1081 -21.14 15.33 9.88
N GLU A 1082 -20.37 16.37 10.14
CA GLU A 1082 -20.65 17.18 11.30
C GLU A 1082 -21.96 17.89 11.00
N ARG A 1083 -23.00 17.07 10.73
CA ARG A 1083 -24.40 17.53 10.60
C ARG A 1083 -25.42 16.52 10.08
N LYS A 1084 -25.05 15.24 9.98
CA LYS A 1084 -25.95 14.23 9.46
C LYS A 1084 -25.34 12.89 9.70
N THR A 1085 -26.13 11.90 10.11
CA THR A 1085 -25.60 10.55 10.21
C THR A 1085 -26.58 9.43 9.81
N GLU A 1086 -26.37 8.83 8.62
CA GLU A 1086 -27.18 7.72 8.17
C GLU A 1086 -26.37 6.42 8.04
N PRO A 1087 -27.03 5.25 8.13
CA PRO A 1087 -26.31 4.00 7.85
C PRO A 1087 -26.09 3.85 6.36
N ALA A 1088 -25.14 2.99 6.00
CA ALA A 1088 -24.72 2.83 4.61
C ALA A 1088 -25.80 2.12 3.82
N THR A 1089 -26.02 2.52 2.58
CA THR A 1089 -26.85 1.75 1.68
C THR A 1089 -26.18 1.61 0.32
N GLY A 1090 -26.45 0.51 -0.38
CA GLY A 1090 -25.95 0.36 -1.74
C GLY A 1090 -24.44 0.28 -1.96
N PHE A 1091 -23.72 0.08 -0.85
CA PHE A 1091 -22.29 -0.16 -0.84
C PHE A 1091 -21.86 -1.40 -0.02
N ILE A 1092 -20.80 -2.07 -0.48
CA ILE A 1092 -20.25 -3.30 0.14
C ILE A 1092 -18.70 -3.26 0.34
N ASP A 1093 -18.15 -3.47 1.55
CA ASP A 1093 -16.69 -3.77 1.53
C ASP A 1093 -16.43 -5.21 1.31
N GLY A 1094 -15.88 -5.44 0.12
CA GLY A 1094 -15.16 -6.66 -0.17
C GLY A 1094 -14.10 -6.76 0.87
N ASP A 1095 -13.69 -5.62 1.39
CA ASP A 1095 -12.73 -5.57 2.45
C ASP A 1095 -13.20 -6.43 3.58
N LEU A 1096 -14.48 -6.29 3.92
CA LEU A 1096 -15.12 -7.11 4.95
C LEU A 1096 -15.52 -8.45 4.38
N ILE A 1097 -16.12 -8.45 3.21
CA ILE A 1097 -16.42 -9.70 2.58
C ILE A 1097 -15.16 -10.54 2.62
N GLU A 1098 -14.06 -10.03 2.07
CA GLU A 1098 -12.85 -10.82 1.90
C GLU A 1098 -12.36 -11.43 3.20
N SER A 1099 -12.58 -10.73 4.32
CA SER A 1099 -12.27 -11.22 5.66
C SER A 1099 -12.69 -12.68 5.83
N PHE A 1100 -13.85 -13.04 5.29
CA PHE A 1100 -14.36 -14.41 5.30
C PHE A 1100 -13.24 -15.44 5.31
N LEU A 1101 -12.50 -15.55 4.21
CA LEU A 1101 -11.43 -16.52 4.04
C LEU A 1101 -10.47 -16.71 5.19
N ASP A 1102 -10.13 -15.67 5.95
CA ASP A 1102 -9.16 -15.81 7.05
C ASP A 1102 -9.81 -16.28 8.34
N ILE A 1103 -11.03 -16.78 8.23
CA ILE A 1103 -11.81 -17.26 9.35
C ILE A 1103 -11.75 -18.77 9.38
N SER A 1104 -11.75 -19.33 10.59
CA SER A 1104 -11.68 -20.76 10.80
C SER A 1104 -12.96 -21.41 10.30
N ARG A 1105 -12.83 -22.57 9.67
CA ARG A 1105 -13.99 -23.33 9.15
C ARG A 1105 -15.17 -23.41 10.14
N PRO A 1106 -14.89 -23.62 11.44
CA PRO A 1106 -15.96 -23.57 12.46
C PRO A 1106 -16.73 -22.25 12.52
N LYS A 1107 -16.00 -21.16 12.71
CA LYS A 1107 -16.57 -19.81 12.75
C LYS A 1107 -17.18 -19.50 11.39
N MET A 1108 -16.71 -20.21 10.38
CA MET A 1108 -17.10 -20.05 9.00
C MET A 1108 -18.41 -20.77 8.83
N GLN A 1109 -18.48 -21.98 9.39
CA GLN A 1109 -19.72 -22.76 9.38
C GLN A 1109 -20.93 -21.94 9.76
N GLU A 1110 -20.84 -21.28 10.92
CA GLU A 1110 -21.91 -20.45 11.52
C GLU A 1110 -22.57 -19.51 10.55
N VAL A 1111 -21.76 -18.92 9.67
CA VAL A 1111 -22.21 -17.88 8.74
C VAL A 1111 -23.22 -18.44 7.75
N VAL A 1112 -23.50 -19.73 7.88
CA VAL A 1112 -24.65 -20.31 7.23
C VAL A 1112 -25.53 -21.11 8.18
N ALA A 1113 -26.76 -20.66 8.28
CA ALA A 1113 -27.83 -21.37 8.93
C ALA A 1113 -28.84 -21.57 7.80
N ASN A 1114 -28.72 -20.68 6.81
CA ASN A 1114 -29.32 -20.80 5.47
C ASN A 1114 -28.51 -20.03 4.40
N ARG A 1125 -33.04 -21.78 -5.30
CA ARG A 1125 -32.25 -21.16 -4.23
C ARG A 1125 -31.95 -22.13 -3.06
N GLU A 1126 -30.78 -21.97 -2.44
CA GLU A 1126 -30.23 -22.96 -1.52
C GLU A 1126 -29.39 -22.41 -0.37
N ALA A 1127 -28.75 -23.32 0.38
CA ALA A 1127 -27.85 -23.00 1.48
C ALA A 1127 -26.64 -23.95 1.42
N THR A 1128 -25.45 -23.40 1.65
CA THR A 1128 -24.20 -24.19 1.56
C THR A 1128 -23.17 -23.83 2.63
N ALA A 1129 -21.89 -23.78 2.24
CA ALA A 1129 -20.77 -23.64 3.19
C ALA A 1129 -19.45 -23.34 2.51
N ASP A 1130 -19.21 -23.95 1.37
CA ASP A 1130 -17.92 -23.83 0.68
C ASP A 1130 -18.14 -23.17 -0.68
N ASP A 1131 -19.40 -23.11 -1.11
CA ASP A 1131 -19.78 -22.31 -2.27
C ASP A 1131 -19.30 -20.87 -2.06
N LEU A 1132 -19.50 -20.39 -0.84
CA LEU A 1132 -19.23 -19.01 -0.49
C LEU A 1132 -17.75 -18.70 -0.50
N ILE A 1133 -16.97 -19.63 0.05
CA ILE A 1133 -15.51 -19.60 -0.12
C ILE A 1133 -15.14 -19.36 -1.61
N LYS A 1134 -15.68 -20.17 -2.52
CA LYS A 1134 -15.48 -20.00 -3.96
C LYS A 1134 -15.97 -18.64 -4.48
N VAL A 1135 -16.99 -18.10 -3.83
CA VAL A 1135 -17.60 -16.88 -4.28
C VAL A 1135 -16.73 -15.70 -3.88
N VAL A 1136 -16.12 -15.77 -2.70
CA VAL A 1136 -15.17 -14.75 -2.28
C VAL A 1136 -13.89 -14.81 -3.12
N GLU A 1137 -13.51 -16.03 -3.50
CA GLU A 1137 -12.40 -16.25 -4.39
C GLU A 1137 -12.57 -15.50 -5.70
N GLU A 1138 -13.66 -15.78 -6.41
CA GLU A 1138 -13.85 -15.19 -7.72
C GLU A 1138 -13.83 -13.66 -7.61
N LEU A 1139 -13.88 -13.17 -6.37
CA LEU A 1139 -13.97 -11.75 -6.11
C LEU A 1139 -12.60 -11.13 -5.87
N THR A 1140 -11.83 -11.76 -5.00
CA THR A 1140 -10.49 -11.34 -4.68
C THR A 1140 -9.68 -11.12 -5.91
N ARG A 1141 -10.24 -11.50 -7.06
CA ARG A 1141 -9.51 -11.46 -8.30
C ARG A 1141 -10.04 -10.38 -9.24
N ILE A 1142 -10.88 -9.50 -8.70
CA ILE A 1142 -11.37 -8.30 -9.39
C ILE A 1142 -10.25 -7.27 -9.43
N HIS A 1143 -9.32 -7.41 -8.51
CA HIS A 1143 -8.10 -6.65 -8.46
C HIS A 1143 -7.00 -7.65 -8.09
N ASN B 1 -7.46 31.69 -1.55
CA ASN B 1 -8.11 31.59 -2.90
C ASN B 1 -9.00 30.34 -3.14
N ALA B 2 -9.17 29.55 -2.08
CA ALA B 2 -9.85 28.27 -2.20
C ALA B 2 -8.99 27.42 -3.10
N SER B 3 -8.07 28.11 -3.78
CA SER B 3 -7.08 27.49 -4.65
C SER B 3 -5.86 27.05 -3.89
N SER B 4 -5.35 27.95 -3.08
CA SER B 4 -4.50 27.58 -1.98
C SER B 4 -5.28 26.47 -1.32
N MET B 5 -6.58 26.73 -1.28
CA MET B 5 -7.55 25.92 -0.61
C MET B 5 -7.67 24.56 -1.20
N LEU B 6 -7.75 24.46 -2.50
CA LEU B 6 -7.83 23.14 -3.04
C LEU B 6 -6.52 22.44 -2.84
N ARG B 7 -5.41 23.11 -3.15
CA ARG B 7 -4.18 22.35 -3.10
C ARG B 7 -4.04 21.81 -1.72
N LYS B 8 -4.66 22.45 -0.75
CA LYS B 8 -4.35 22.11 0.63
C LYS B 8 -5.27 21.07 1.17
N SER B 9 -6.55 21.29 1.02
CA SER B 9 -7.35 20.21 1.37
C SER B 9 -6.76 19.24 0.43
N GLN B 10 -6.06 19.66 -0.61
CA GLN B 10 -5.77 18.45 -1.37
C GLN B 10 -4.61 17.68 -0.74
N LEU B 11 -3.52 18.27 -0.37
CA LEU B 11 -2.52 17.40 0.18
C LEU B 11 -2.77 16.99 1.59
N GLY B 12 -3.96 17.23 2.08
CA GLY B 12 -4.27 16.81 3.42
C GLY B 12 -4.16 17.95 4.36
N PHE B 13 -4.44 17.67 5.61
CA PHE B 13 -4.64 18.72 6.56
C PHE B 13 -3.58 19.77 6.43
#